data_3ON2
#
_entry.id   3ON2
#
_cell.length_a   37.889
_cell.length_b   86.863
_cell.length_c   115.255
_cell.angle_alpha   90.00
_cell.angle_beta   95.51
_cell.angle_gamma   90.00
#
_symmetry.space_group_name_H-M   'P 1 21 1'
#
loop_
_entity.id
_entity.type
_entity.pdbx_description
1 polymer 'Probable transcriptional regulator'
2 non-polymer 'SULFATE ION'
3 non-polymer 1-(2-METHOXY-ETHOXY)-2-{2-[2-(2-METHOXY-ETHOXY]-ETHOXY}-ETHANE
4 water water
#
_entity_poly.entity_id   1
_entity_poly.type   'polypeptide(L)'
_entity_poly.pdbx_seq_one_letter_code
;(MSE)PVAEQPYHHGSLRRVLLARAESTLEKDGVDGLSLRQLAREAGVSHAAPSKHFRDRQALLDALAESGFLRLTAALE
RAVEEAESHARARFAALAGAYVSFALAHRELLAL(MSE)YGNKHAPGAASQVVEAGHAS(MSE)DLTVRIVTEAQAAGDI
GPGDASRIALVAFATFHGIATLAAGG(MSE)LDGAPVDEVVTAASDTFWRGLAQA
;
_entity_poly.pdbx_strand_id   A,B,C,D
#
# COMPACT_ATOMS: atom_id res chain seq x y z
N ALA A 4 54.86 -39.80 -55.51
CA ALA A 4 56.17 -40.52 -55.38
C ALA A 4 56.89 -40.17 -54.06
N GLU A 5 58.14 -39.71 -54.15
CA GLU A 5 58.90 -39.22 -52.99
C GLU A 5 58.15 -38.07 -52.32
N GLN A 6 57.82 -37.08 -53.14
N GLN A 6 57.74 -37.07 -53.10
CA GLN A 6 57.04 -35.90 -52.76
CA GLN A 6 56.96 -35.93 -52.59
C GLN A 6 57.60 -35.17 -51.52
C GLN A 6 57.62 -35.18 -51.42
N PRO A 7 58.78 -34.56 -51.67
CA PRO A 7 59.57 -33.98 -50.56
C PRO A 7 58.90 -32.82 -49.78
N TYR A 8 57.82 -32.25 -50.32
CA TYR A 8 57.15 -31.08 -49.71
C TYR A 8 55.66 -31.32 -49.46
N HIS A 9 55.26 -32.58 -49.37
CA HIS A 9 53.89 -32.93 -49.00
C HIS A 9 53.83 -33.84 -47.80
N HIS A 10 54.77 -33.62 -46.87
CA HIS A 10 54.84 -34.41 -45.65
C HIS A 10 54.23 -33.64 -44.49
N GLY A 11 53.37 -34.28 -43.70
CA GLY A 11 52.99 -33.77 -42.35
C GLY A 11 54.16 -33.94 -41.37
N SER A 12 54.11 -33.31 -40.20
CA SER A 12 55.18 -33.52 -39.21
C SER A 12 55.10 -34.95 -38.68
N LEU A 13 56.27 -35.55 -38.42
CA LEU A 13 56.31 -36.88 -37.81
C LEU A 13 55.54 -36.93 -36.49
N ARG A 14 55.67 -35.87 -35.68
CA ARG A 14 54.97 -35.82 -34.42
C ARG A 14 53.47 -35.96 -34.61
N ARG A 15 52.90 -35.15 -35.50
N ARG A 15 52.93 -35.15 -35.52
CA ARG A 15 51.45 -35.17 -35.69
CA ARG A 15 51.49 -35.10 -35.77
C ARG A 15 50.99 -36.50 -36.30
C ARG A 15 50.97 -36.42 -36.35
N VAL A 16 51.73 -36.97 -37.31
CA VAL A 16 51.34 -38.21 -38.00
C VAL A 16 51.38 -39.38 -37.01
N LEU A 17 52.46 -39.46 -36.25
CA LEU A 17 52.60 -40.55 -35.26
C LEU A 17 51.55 -40.50 -34.18
N LEU A 18 51.22 -39.30 -33.71
CA LEU A 18 50.18 -39.17 -32.69
C LEU A 18 48.80 -39.58 -33.21
N ALA A 19 48.48 -39.24 -34.46
CA ALA A 19 47.18 -39.65 -35.03
C ALA A 19 47.08 -41.19 -35.19
N ARG A 20 48.15 -41.79 -35.71
CA ARG A 20 48.24 -43.26 -35.80
C ARG A 20 48.19 -43.94 -34.42
N ALA A 21 48.94 -43.41 -33.43
CA ALA A 21 48.96 -43.99 -32.08
C ALA A 21 47.59 -43.98 -31.45
N GLU A 22 46.86 -42.88 -31.65
CA GLU A 22 45.51 -42.76 -31.07
C GLU A 22 44.61 -43.80 -31.72
N SER A 23 44.73 -43.99 -33.03
CA SER A 23 43.92 -44.99 -33.74
C SER A 23 44.18 -46.43 -33.22
N THR A 24 45.44 -46.78 -33.04
CA THR A 24 45.79 -48.06 -32.44
C THR A 24 45.36 -48.18 -30.98
N LEU A 25 45.51 -47.10 -30.22
CA LEU A 25 45.09 -47.10 -28.82
C LEU A 25 43.63 -47.49 -28.72
N GLU A 26 42.79 -46.86 -29.56
CA GLU A 26 41.34 -47.07 -29.48
C GLU A 26 40.95 -48.46 -29.96
N LYS A 27 41.70 -49.01 -30.93
CA LYS A 27 41.47 -50.39 -31.38
C LYS A 27 42.02 -51.47 -30.45
N ASP A 28 43.28 -51.33 -30.05
CA ASP A 28 44.01 -52.41 -29.40
C ASP A 28 44.36 -52.15 -27.92
N GLY A 29 44.15 -50.93 -27.43
CA GLY A 29 44.56 -50.59 -26.07
C GLY A 29 46.02 -50.15 -25.95
N VAL A 30 46.37 -49.60 -24.80
CA VAL A 30 47.74 -49.06 -24.57
C VAL A 30 48.86 -50.09 -24.78
N ASP A 31 48.59 -51.36 -24.48
CA ASP A 31 49.59 -52.43 -24.67
C ASP A 31 49.79 -52.79 -26.16
N GLY A 32 48.85 -52.39 -27.01
CA GLY A 32 49.04 -52.49 -28.46
C GLY A 32 49.85 -51.35 -29.06
N LEU A 33 50.30 -50.42 -28.22
CA LEU A 33 51.08 -49.28 -28.70
C LEU A 33 52.56 -49.58 -28.74
N SER A 34 53.14 -49.43 -29.93
CA SER A 34 54.58 -49.52 -30.07
C SER A 34 55.10 -48.37 -30.91
N LEU A 35 56.05 -47.62 -30.37
CA LEU A 35 56.64 -46.52 -31.12
C LEU A 35 57.36 -47.04 -32.36
N ARG A 36 58.09 -48.13 -32.18
CA ARG A 36 58.79 -48.73 -33.30
C ARG A 36 57.82 -49.18 -34.38
N GLN A 37 56.72 -49.83 -34.03
CA GLN A 37 55.76 -50.22 -35.06
C GLN A 37 55.11 -49.00 -35.75
N LEU A 38 54.78 -47.99 -34.97
CA LEU A 38 54.06 -46.83 -35.52
C LEU A 38 54.94 -46.12 -36.52
N ALA A 39 56.23 -46.01 -36.18
CA ALA A 39 57.20 -45.39 -37.06
C ALA A 39 57.32 -46.13 -38.40
N ARG A 40 57.30 -47.46 -38.39
CA ARG A 40 57.44 -48.22 -39.64
C ARG A 40 56.16 -48.12 -40.44
N GLU A 41 55.03 -48.15 -39.73
CA GLU A 41 53.70 -47.98 -40.33
C GLU A 41 53.55 -46.63 -41.03
N ALA A 42 54.25 -45.60 -40.53
CA ALA A 42 54.22 -44.25 -41.14
C ALA A 42 55.31 -44.06 -42.21
N GLY A 43 55.91 -45.18 -42.64
CA GLY A 43 56.85 -45.22 -43.75
C GLY A 43 58.05 -44.31 -43.58
N PRO A 49 65.51 -42.27 -40.52
CA PRO A 49 65.18 -43.22 -39.43
C PRO A 49 64.40 -42.63 -38.21
N SER A 50 64.14 -41.31 -38.20
CA SER A 50 63.57 -40.67 -37.00
C SER A 50 62.13 -41.15 -36.69
N LYS A 51 61.88 -41.38 -35.39
CA LYS A 51 60.58 -41.73 -34.83
C LYS A 51 59.99 -40.47 -34.17
N HIS A 52 60.72 -39.35 -34.30
CA HIS A 52 60.47 -38.08 -33.59
C HIS A 52 60.62 -38.19 -32.06
N PHE A 53 59.77 -38.99 -31.44
CA PHE A 53 59.75 -39.14 -29.99
C PHE A 53 60.99 -39.86 -29.49
N ARG A 54 61.52 -39.41 -28.37
CA ARG A 54 62.76 -39.96 -27.79
C ARG A 54 62.56 -41.43 -27.38
N ASP A 55 61.38 -41.75 -26.87
CA ASP A 55 61.05 -43.10 -26.43
C ASP A 55 59.53 -43.25 -26.30
N ARG A 56 59.09 -44.45 -25.97
CA ARG A 56 57.69 -44.75 -25.83
C ARG A 56 57.02 -43.81 -24.82
N GLN A 57 57.68 -43.59 -23.69
CA GLN A 57 57.09 -42.72 -22.67
C GLN A 57 56.84 -41.29 -23.20
N ALA A 58 57.70 -40.77 -24.06
CA ALA A 58 57.48 -39.44 -24.62
C ALA A 58 56.21 -39.45 -25.49
N LEU A 59 56.02 -40.52 -26.27
CA LEU A 59 54.78 -40.70 -27.03
C LEU A 59 53.51 -40.72 -26.14
N LEU A 60 53.57 -41.50 -25.06
CA LEU A 60 52.39 -41.64 -24.18
C LEU A 60 52.07 -40.33 -23.48
N ASP A 61 53.11 -39.62 -23.03
CA ASP A 61 52.96 -38.31 -22.39
C ASP A 61 52.30 -37.32 -23.37
N ALA A 62 52.73 -37.36 -24.64
CA ALA A 62 52.17 -36.52 -25.70
C ALA A 62 50.69 -36.82 -25.96
N LEU A 63 50.32 -38.10 -26.02
CA LEU A 63 48.92 -38.51 -26.18
C LEU A 63 48.06 -38.06 -25.01
N ALA A 64 48.58 -38.28 -23.81
CA ALA A 64 47.89 -37.87 -22.57
C ALA A 64 47.70 -36.35 -22.53
N GLU A 65 48.76 -35.59 -22.82
CA GLU A 65 48.67 -34.12 -22.85
C GLU A 65 47.65 -33.63 -23.88
N SER A 66 47.74 -34.18 -25.08
CA SER A 66 46.81 -33.88 -26.15
C SER A 66 45.35 -34.20 -25.78
N GLY A 67 45.16 -35.31 -25.08
CA GLY A 67 43.84 -35.70 -24.58
C GLY A 67 43.23 -34.67 -23.64
N PHE A 68 44.00 -34.19 -22.68
CA PHE A 68 43.52 -33.16 -21.78
C PHE A 68 43.26 -31.86 -22.51
N LEU A 69 44.17 -31.47 -23.39
CA LEU A 69 43.99 -30.22 -24.17
C LEU A 69 42.66 -30.26 -24.93
N ARG A 70 42.39 -31.40 -25.54
CA ARG A 70 41.15 -31.60 -26.31
C ARG A 70 39.92 -31.68 -25.43
N LEU A 71 40.06 -32.27 -24.23
CA LEU A 71 38.93 -32.29 -23.29
C LEU A 71 38.59 -30.88 -22.83
N THR A 72 39.62 -30.09 -22.49
CA THR A 72 39.39 -28.69 -22.14
C THR A 72 38.71 -27.93 -23.30
N ALA A 73 39.22 -28.09 -24.51
CA ALA A 73 38.60 -27.51 -25.70
C ALA A 73 37.11 -27.86 -25.82
N ALA A 74 36.76 -29.14 -25.61
CA ALA A 74 35.38 -29.61 -25.67
C ALA A 74 34.48 -29.00 -24.60
N LEU A 75 35.00 -28.89 -23.38
CA LEU A 75 34.23 -28.24 -22.31
C LEU A 75 34.01 -26.74 -22.62
N GLU A 76 35.05 -26.05 -23.10
CA GLU A 76 34.91 -24.61 -23.47
C GLU A 76 33.89 -24.39 -24.59
N ARG A 77 33.87 -25.26 -25.58
N ARG A 77 33.88 -25.27 -25.58
CA ARG A 77 32.85 -25.20 -26.63
CA ARG A 77 32.87 -25.22 -26.65
C ARG A 77 31.44 -25.44 -26.09
C ARG A 77 31.45 -25.47 -26.12
N ALA A 78 31.33 -26.37 -25.16
CA ALA A 78 30.04 -26.65 -24.55
C ALA A 78 29.50 -25.40 -23.86
N VAL A 79 30.37 -24.73 -23.11
CA VAL A 79 30.01 -23.46 -22.45
C VAL A 79 29.59 -22.38 -23.50
N GLU A 80 30.41 -22.16 -24.52
CA GLU A 80 30.07 -21.25 -25.61
C GLU A 80 28.74 -21.55 -26.31
N GLU A 81 28.42 -22.83 -26.51
CA GLU A 81 27.17 -23.22 -27.19
C GLU A 81 25.94 -22.87 -26.33
N ALA A 82 26.08 -22.99 -25.02
CA ALA A 82 24.97 -22.92 -24.09
C ALA A 82 24.64 -21.48 -23.72
N GLU A 83 23.42 -21.31 -23.24
CA GLU A 83 23.01 -20.05 -22.64
C GLU A 83 23.99 -19.59 -21.55
N SER A 84 24.03 -18.27 -21.36
CA SER A 84 24.89 -17.61 -20.38
C SER A 84 24.17 -17.51 -19.04
N HIS A 85 23.81 -18.66 -18.49
CA HIS A 85 23.38 -18.71 -17.11
C HIS A 85 23.88 -20.04 -16.52
N ALA A 86 24.14 -20.03 -15.22
CA ALA A 86 24.83 -21.14 -14.55
C ALA A 86 24.15 -22.49 -14.75
N ARG A 87 22.84 -22.55 -14.60
CA ARG A 87 22.14 -23.85 -14.70
C ARG A 87 22.39 -24.50 -16.06
N ALA A 88 22.33 -23.69 -17.12
CA ALA A 88 22.63 -24.15 -18.50
C ALA A 88 24.08 -24.58 -18.71
N ARG A 89 25.01 -23.84 -18.12
CA ARG A 89 26.42 -24.16 -18.24
C ARG A 89 26.76 -25.46 -17.52
N PHE A 90 26.20 -25.64 -16.32
CA PHE A 90 26.43 -26.88 -15.55
C PHE A 90 25.92 -28.07 -16.34
N ALA A 91 24.71 -27.96 -16.87
CA ALA A 91 24.14 -29.00 -17.73
C ALA A 91 24.98 -29.26 -18.98
N ALA A 92 25.44 -28.21 -19.65
CA ALA A 92 26.24 -28.40 -20.86
C ALA A 92 27.59 -29.05 -20.58
N LEU A 93 28.26 -28.65 -19.49
CA LEU A 93 29.55 -29.25 -19.14
C LEU A 93 29.40 -30.73 -18.86
N ALA A 94 28.34 -31.12 -18.15
CA ALA A 94 28.15 -32.53 -17.79
C ALA A 94 27.97 -33.38 -19.02
N GLY A 95 27.04 -32.99 -19.88
CA GLY A 95 26.77 -33.68 -21.13
C GLY A 95 28.00 -33.77 -22.02
N ALA A 96 28.77 -32.68 -22.13
CA ALA A 96 30.02 -32.69 -22.90
C ALA A 96 31.08 -33.61 -22.32
N TYR A 97 31.20 -33.64 -21.00
CA TYR A 97 32.16 -34.57 -20.39
C TYR A 97 31.84 -36.04 -20.71
N VAL A 98 30.58 -36.43 -20.49
CA VAL A 98 30.17 -37.82 -20.71
C VAL A 98 30.34 -38.19 -22.19
N SER A 99 29.94 -37.31 -23.10
CA SER A 99 30.16 -37.58 -24.53
C SER A 99 31.62 -37.75 -24.90
N PHE A 100 32.48 -36.90 -24.32
CA PHE A 100 33.92 -37.03 -24.55
C PHE A 100 34.46 -38.40 -24.11
N ALA A 101 34.12 -38.75 -22.87
CA ALA A 101 34.53 -39.99 -22.26
C ALA A 101 34.12 -41.20 -23.09
N LEU A 102 32.88 -41.20 -23.59
CA LEU A 102 32.39 -42.34 -24.33
C LEU A 102 32.92 -42.39 -25.76
N ALA A 103 33.29 -41.23 -26.31
CA ALA A 103 33.92 -41.19 -27.62
C ALA A 103 35.41 -41.47 -27.61
N HIS A 104 36.05 -41.39 -26.44
CA HIS A 104 37.50 -41.53 -26.35
C HIS A 104 37.86 -42.38 -25.14
N ARG A 105 37.33 -43.58 -25.09
N ARG A 105 37.30 -43.58 -25.09
CA ARG A 105 37.44 -44.43 -23.90
CA ARG A 105 37.42 -44.46 -23.91
C ARG A 105 38.86 -44.85 -23.55
C ARG A 105 38.87 -44.80 -23.58
N GLU A 106 39.61 -45.36 -24.53
CA GLU A 106 41.02 -45.74 -24.29
C GLU A 106 41.92 -44.51 -24.08
N LEU A 107 41.66 -43.41 -24.78
N LEU A 107 41.63 -43.42 -24.79
CA LEU A 107 42.45 -42.20 -24.57
CA LEU A 107 42.39 -42.18 -24.64
C LEU A 107 42.23 -41.66 -23.15
C LEU A 107 42.20 -41.59 -23.23
N LEU A 108 40.97 -41.65 -22.72
CA LEU A 108 40.66 -41.15 -21.39
C LEU A 108 41.32 -42.00 -20.28
N ALA A 109 41.25 -43.33 -20.41
CA ALA A 109 42.00 -44.22 -19.48
C ALA A 109 43.50 -43.87 -19.46
N LEU A 110 44.10 -43.65 -20.63
CA LEU A 110 45.51 -43.27 -20.71
C LEU A 110 45.77 -41.92 -20.02
N TYR A 112 44.13 -40.34 -17.59
CA TYR A 112 44.08 -40.46 -16.14
C TYR A 112 45.19 -41.34 -15.53
N GLY A 113 45.52 -42.43 -16.20
CA GLY A 113 46.57 -43.35 -15.74
C GLY A 113 47.93 -42.68 -15.79
N ASN A 114 48.16 -41.89 -16.82
CA ASN A 114 49.44 -41.24 -17.06
C ASN A 114 49.61 -40.10 -16.06
N LYS A 115 48.57 -39.25 -15.99
CA LYS A 115 48.57 -38.08 -15.11
C LYS A 115 48.88 -38.40 -13.66
N HIS A 116 48.40 -39.55 -13.17
CA HIS A 116 48.62 -39.92 -11.78
C HIS A 116 49.65 -41.04 -11.54
N ALA A 117 50.46 -41.35 -12.56
CA ALA A 117 51.56 -42.30 -12.36
C ALA A 117 52.70 -41.60 -11.61
N PRO A 118 53.48 -42.36 -10.81
CA PRO A 118 54.71 -41.86 -10.19
C PRO A 118 55.54 -41.13 -11.23
N GLY A 119 55.94 -39.90 -10.94
CA GLY A 119 56.84 -39.16 -11.83
C GLY A 119 56.20 -38.62 -13.11
N ALA A 120 54.88 -38.46 -13.09
CA ALA A 120 54.13 -37.99 -14.27
C ALA A 120 54.70 -36.69 -14.81
N ALA A 121 54.76 -36.54 -16.12
CA ALA A 121 55.33 -35.32 -16.69
C ALA A 121 54.51 -34.07 -16.34
N SER A 122 55.21 -33.00 -16.00
CA SER A 122 54.59 -31.72 -15.62
C SER A 122 53.61 -31.17 -16.67
N GLN A 123 53.93 -31.35 -17.96
CA GLN A 123 53.03 -30.81 -18.99
C GLN A 123 51.70 -31.57 -19.02
N VAL A 124 51.74 -32.87 -18.71
CA VAL A 124 50.51 -33.66 -18.55
C VAL A 124 49.74 -33.18 -17.32
N VAL A 125 50.44 -33.09 -16.19
CA VAL A 125 49.82 -32.62 -14.93
C VAL A 125 49.14 -31.26 -15.15
N GLU A 126 49.84 -30.31 -15.79
CA GLU A 126 49.31 -28.95 -16.04
C GLU A 126 48.08 -28.93 -16.96
N ALA A 127 48.12 -29.73 -18.02
CA ALA A 127 47.00 -29.88 -18.94
C ALA A 127 45.76 -30.44 -18.22
N GLY A 128 45.94 -31.45 -17.35
CA GLY A 128 44.85 -32.04 -16.56
C GLY A 128 44.22 -31.05 -15.59
N HIS A 129 45.07 -30.25 -14.95
N HIS A 129 45.10 -30.27 -14.96
CA HIS A 129 44.60 -29.20 -14.04
CA HIS A 129 44.75 -29.17 -14.09
C HIS A 129 43.79 -28.11 -14.75
C HIS A 129 43.79 -28.19 -14.77
N ALA A 130 44.09 -27.86 -16.03
CA ALA A 130 43.32 -26.87 -16.80
C ALA A 130 41.84 -27.22 -17.02
N SER A 131 41.57 -28.50 -17.30
CA SER A 131 40.21 -28.98 -17.48
C SER A 131 39.43 -28.73 -16.17
N ASP A 133 40.26 -26.59 -13.63
CA ASP A 133 40.20 -25.12 -13.41
C ASP A 133 39.02 -24.46 -14.10
N LEU A 134 38.80 -24.85 -15.36
N LEU A 134 38.78 -24.82 -15.36
CA LEU A 134 37.63 -24.42 -16.14
CA LEU A 134 37.61 -24.33 -16.10
C LEU A 134 36.33 -24.64 -15.36
C LEU A 134 36.31 -24.54 -15.32
N THR A 135 36.14 -25.87 -14.88
N THR A 135 36.08 -25.77 -14.87
CA THR A 135 34.96 -26.23 -14.11
CA THR A 135 34.86 -26.08 -14.14
C THR A 135 34.84 -25.41 -12.83
C THR A 135 34.81 -25.38 -12.79
N VAL A 136 35.96 -25.29 -12.10
CA VAL A 136 36.01 -24.54 -10.82
C VAL A 136 35.61 -23.07 -11.05
N ARG A 137 36.06 -22.49 -12.16
CA ARG A 137 35.75 -21.09 -12.55
C ARG A 137 34.26 -20.89 -12.81
N ILE A 138 33.64 -21.84 -13.52
CA ILE A 138 32.20 -21.84 -13.80
C ILE A 138 31.36 -21.94 -12.52
N VAL A 139 31.81 -22.79 -11.58
CA VAL A 139 31.17 -22.89 -10.24
C VAL A 139 31.33 -21.57 -9.47
N THR A 140 32.56 -21.03 -9.45
CA THR A 140 32.84 -19.75 -8.76
C THR A 140 31.99 -18.63 -9.32
N GLU A 141 31.90 -18.54 -10.64
CA GLU A 141 31.05 -17.54 -11.31
C GLU A 141 29.59 -17.74 -10.94
N ALA A 142 29.17 -18.98 -10.78
CA ALA A 142 27.79 -19.28 -10.37
C ALA A 142 27.52 -18.81 -8.95
N GLN A 143 28.53 -18.91 -8.10
CA GLN A 143 28.40 -18.43 -6.73
C GLN A 143 28.40 -16.90 -6.68
N ALA A 144 29.15 -16.27 -7.59
CA ALA A 144 29.19 -14.80 -7.67
C ALA A 144 27.90 -14.23 -8.27
N ALA A 145 27.31 -14.95 -9.21
CA ALA A 145 25.99 -14.58 -9.72
C ALA A 145 24.88 -14.83 -8.68
N GLY A 146 25.21 -15.55 -7.60
CA GLY A 146 24.22 -15.86 -6.56
C GLY A 146 23.23 -16.94 -6.92
N ASP A 147 23.55 -17.76 -7.93
CA ASP A 147 22.66 -18.85 -8.38
C ASP A 147 22.74 -20.06 -7.44
N ILE A 148 23.92 -20.29 -6.89
CA ILE A 148 24.11 -21.38 -5.96
C ILE A 148 24.63 -20.88 -4.62
N GLY A 149 24.52 -21.73 -3.60
CA GLY A 149 24.95 -21.38 -2.24
C GLY A 149 26.45 -21.43 -2.01
N PRO A 150 26.89 -20.98 -0.82
CA PRO A 150 28.31 -20.82 -0.48
C PRO A 150 29.02 -22.15 -0.35
N GLY A 151 30.34 -22.12 -0.36
CA GLY A 151 31.10 -23.36 -0.28
C GLY A 151 32.34 -23.40 -1.14
N ASP A 152 33.22 -24.32 -0.83
CA ASP A 152 34.48 -24.46 -1.55
C ASP A 152 34.20 -24.92 -2.97
N ALA A 153 34.43 -24.03 -3.94
CA ALA A 153 34.10 -24.30 -5.32
C ALA A 153 34.87 -25.52 -5.86
N SER A 154 36.05 -25.80 -5.33
CA SER A 154 36.83 -26.95 -5.82
C SER A 154 36.26 -28.28 -5.32
N ARG A 155 35.68 -28.30 -4.13
CA ARG A 155 34.95 -29.48 -3.65
C ARG A 155 33.64 -29.70 -4.44
N ILE A 156 32.96 -28.59 -4.76
CA ILE A 156 31.73 -28.64 -5.55
C ILE A 156 32.07 -29.21 -6.94
N ALA A 157 33.11 -28.67 -7.55
CA ALA A 157 33.56 -29.15 -8.85
C ALA A 157 33.95 -30.64 -8.79
N LEU A 158 34.59 -31.04 -7.70
CA LEU A 158 35.03 -32.41 -7.50
C LEU A 158 33.85 -33.38 -7.38
N VAL A 159 32.79 -32.97 -6.68
CA VAL A 159 31.60 -33.81 -6.59
C VAL A 159 30.98 -33.96 -7.97
N ALA A 160 30.93 -32.87 -8.74
CA ALA A 160 30.41 -32.91 -10.12
C ALA A 160 31.23 -33.88 -11.01
N PHE A 161 32.56 -33.79 -10.92
CA PHE A 161 33.44 -34.67 -11.69
C PHE A 161 33.23 -36.14 -11.35
N ALA A 162 33.12 -36.45 -10.05
CA ALA A 162 32.89 -37.82 -9.60
C ALA A 162 31.55 -38.31 -10.12
N THR A 163 30.54 -37.45 -10.04
CA THR A 163 29.22 -37.80 -10.54
C THR A 163 29.24 -38.17 -12.01
N PHE A 164 29.78 -37.29 -12.85
CA PHE A 164 29.72 -37.54 -14.30
C PHE A 164 30.78 -38.51 -14.81
N HIS A 165 31.95 -38.57 -14.15
CA HIS A 165 32.85 -39.68 -14.42
C HIS A 165 32.25 -41.02 -13.98
N GLY A 166 31.52 -41.02 -12.87
CA GLY A 166 30.78 -42.22 -12.43
C GLY A 166 29.76 -42.69 -13.47
N ILE A 167 28.95 -41.77 -14.01
CA ILE A 167 28.03 -42.09 -15.09
C ILE A 167 28.76 -42.68 -16.33
N ALA A 168 29.81 -42.00 -16.79
CA ALA A 168 30.59 -42.50 -17.95
C ALA A 168 31.18 -43.91 -17.67
N THR A 169 31.66 -44.13 -16.44
CA THR A 169 32.20 -45.41 -16.02
C THR A 169 31.11 -46.52 -16.04
N LEU A 170 29.93 -46.21 -15.52
CA LEU A 170 28.82 -47.16 -15.55
C LEU A 170 28.45 -47.47 -17.00
N ALA A 171 28.41 -46.44 -17.84
CA ALA A 171 28.02 -46.62 -19.22
C ALA A 171 29.02 -47.50 -19.95
N ALA A 172 30.32 -47.21 -19.76
CA ALA A 172 31.36 -48.01 -20.41
C ALA A 172 31.36 -49.47 -19.92
N GLY A 173 30.83 -49.68 -18.71
CA GLY A 173 30.84 -51.00 -18.09
C GLY A 173 29.57 -51.79 -18.27
N GLY A 174 28.62 -51.21 -19.01
CA GLY A 174 27.32 -51.82 -19.25
C GLY A 174 26.44 -51.90 -18.03
N LEU A 176 24.23 -49.51 -16.77
CA LEU A 176 23.07 -48.61 -16.72
C LEU A 176 21.76 -49.38 -16.84
N ASP A 177 21.87 -50.67 -17.15
CA ASP A 177 20.73 -51.59 -17.28
C ASP A 177 19.60 -51.04 -18.14
N GLY A 178 19.94 -50.55 -19.33
CA GLY A 178 18.95 -50.00 -20.24
C GLY A 178 18.51 -48.55 -20.06
N ALA A 179 18.96 -47.86 -18.99
CA ALA A 179 18.63 -46.45 -18.84
C ALA A 179 19.49 -45.65 -19.82
N PRO A 180 18.85 -44.83 -20.68
CA PRO A 180 19.62 -44.15 -21.70
C PRO A 180 20.61 -43.20 -21.01
N VAL A 181 21.87 -43.23 -21.40
CA VAL A 181 22.87 -42.39 -20.71
C VAL A 181 22.43 -40.91 -20.63
N ASP A 182 21.87 -40.38 -21.71
CA ASP A 182 21.44 -38.98 -21.76
C ASP A 182 20.44 -38.65 -20.64
N GLU A 183 19.52 -39.59 -20.36
CA GLU A 183 18.52 -39.42 -19.29
C GLU A 183 19.14 -39.47 -17.90
N VAL A 184 20.17 -40.29 -17.73
CA VAL A 184 20.84 -40.43 -16.42
C VAL A 184 21.69 -39.17 -16.16
N VAL A 185 22.41 -38.71 -17.16
CA VAL A 185 23.15 -37.43 -17.05
C VAL A 185 22.21 -36.28 -16.62
N THR A 186 21.08 -36.17 -17.30
CA THR A 186 20.10 -35.09 -17.01
C THR A 186 19.55 -35.20 -15.60
N ALA A 187 19.20 -36.42 -15.17
CA ALA A 187 18.67 -36.58 -13.82
C ALA A 187 19.75 -36.18 -12.80
N ALA A 188 20.99 -36.62 -13.03
CA ALA A 188 22.11 -36.28 -12.15
C ALA A 188 22.36 -34.74 -12.12
N SER A 189 22.29 -34.11 -13.28
CA SER A 189 22.42 -32.63 -13.38
C SER A 189 21.34 -31.86 -12.64
N ASP A 190 20.08 -32.27 -12.81
CA ASP A 190 18.96 -31.63 -12.09
C ASP A 190 19.07 -31.79 -10.57
N THR A 191 19.46 -32.98 -10.12
CA THR A 191 19.54 -33.25 -8.70
C THR A 191 20.72 -32.47 -8.08
N PHE A 192 21.86 -32.48 -8.77
CA PHE A 192 23.03 -31.69 -8.40
C PHE A 192 22.65 -30.20 -8.31
N TRP A 193 22.01 -29.69 -9.35
CA TRP A 193 21.68 -28.25 -9.38
C TRP A 193 20.80 -27.90 -8.17
N ARG A 194 19.75 -28.70 -7.97
CA ARG A 194 18.85 -28.52 -6.82
C ARG A 194 19.56 -28.57 -5.46
N GLY A 195 20.52 -29.49 -5.33
CA GLY A 195 21.26 -29.63 -4.08
C GLY A 195 22.20 -28.47 -3.80
N LEU A 196 22.58 -27.74 -4.85
CA LEU A 196 23.43 -26.56 -4.67
C LEU A 196 22.66 -25.26 -4.66
N ALA A 197 21.51 -25.22 -5.34
CA ALA A 197 20.82 -23.97 -5.69
C ALA A 197 20.38 -23.15 -4.48
N GLN A 198 20.36 -21.82 -4.65
CA GLN A 198 19.85 -20.89 -3.64
C GLN A 198 18.36 -20.64 -3.90
N ALA B 4 17.56 -44.24 27.20
CA ALA B 4 16.31 -44.90 27.70
C ALA B 4 15.09 -43.96 27.76
N GLU B 5 13.89 -44.54 27.77
N GLU B 5 13.92 -44.57 27.76
CA GLU B 5 12.68 -43.75 27.90
CA GLU B 5 12.65 -43.86 27.92
C GLU B 5 11.83 -44.19 29.08
C GLU B 5 12.07 -44.15 29.30
N GLN B 6 11.29 -43.21 29.81
CA GLN B 6 10.43 -43.48 30.96
C GLN B 6 8.99 -43.55 30.40
N PRO B 7 8.46 -44.79 30.29
CA PRO B 7 7.28 -45.14 29.48
C PRO B 7 6.02 -44.32 29.78
N TYR B 8 5.87 -43.85 31.02
CA TYR B 8 4.65 -43.17 31.45
C TYR B 8 4.87 -41.71 31.85
N HIS B 9 5.96 -41.11 31.38
CA HIS B 9 6.20 -39.68 31.59
C HIS B 9 6.36 -38.88 30.29
N HIS B 10 5.68 -39.33 29.22
CA HIS B 10 5.71 -38.64 27.91
C HIS B 10 4.52 -37.69 27.78
N GLY B 11 4.76 -36.46 27.29
CA GLY B 11 3.68 -35.61 26.76
C GLY B 11 3.20 -36.18 25.42
N SER B 12 2.11 -35.65 24.88
CA SER B 12 1.69 -36.08 23.54
C SER B 12 2.69 -35.60 22.49
N LEU B 13 2.87 -36.36 21.41
CA LEU B 13 3.74 -35.91 20.32
C LEU B 13 3.27 -34.57 19.75
N ARG B 14 1.95 -34.44 19.57
CA ARG B 14 1.37 -33.21 19.03
C ARG B 14 1.78 -32.00 19.85
N ARG B 15 1.61 -32.09 21.16
CA ARG B 15 1.81 -30.94 22.02
C ARG B 15 3.30 -30.61 22.16
N VAL B 16 4.15 -31.63 22.20
N VAL B 16 4.12 -31.66 22.20
CA VAL B 16 5.58 -31.35 22.34
CA VAL B 16 5.58 -31.52 22.30
C VAL B 16 6.18 -30.80 21.03
C VAL B 16 6.12 -30.80 21.05
N LEU B 17 5.70 -31.30 19.89
CA LEU B 17 6.14 -30.79 18.57
C LEU B 17 5.70 -29.35 18.36
N LEU B 18 4.46 -29.02 18.78
CA LEU B 18 3.94 -27.65 18.64
C LEU B 18 4.72 -26.64 19.47
N ALA B 19 5.16 -27.03 20.67
CA ALA B 19 5.88 -26.10 21.52
C ALA B 19 7.30 -25.88 20.97
N ARG B 20 7.86 -26.96 20.44
CA ARG B 20 9.17 -26.90 19.83
C ARG B 20 9.10 -26.12 18.52
N ALA B 21 8.05 -26.35 17.73
CA ALA B 21 7.82 -25.58 16.51
C ALA B 21 7.73 -24.07 16.78
N GLU B 22 6.95 -23.69 17.78
CA GLU B 22 6.72 -22.28 18.07
C GLU B 22 8.02 -21.60 18.51
N SER B 23 8.82 -22.35 19.27
CA SER B 23 10.12 -21.87 19.70
C SER B 23 11.06 -21.60 18.52
N THR B 24 11.16 -22.54 17.60
CA THR B 24 11.94 -22.38 16.38
C THR B 24 11.34 -21.28 15.47
N LEU B 25 10.02 -21.24 15.36
CA LEU B 25 9.35 -20.22 14.56
C LEU B 25 9.80 -18.83 14.96
N GLU B 26 9.73 -18.54 16.27
CA GLU B 26 10.10 -17.22 16.80
C GLU B 26 11.61 -16.89 16.71
N LYS B 27 12.45 -17.92 16.69
CA LYS B 27 13.90 -17.74 16.48
C LYS B 27 14.28 -17.58 15.01
N ASP B 28 13.70 -18.42 14.17
CA ASP B 28 14.22 -18.66 12.82
C ASP B 28 13.26 -18.38 11.67
N GLY B 29 12.03 -18.00 11.99
CA GLY B 29 11.05 -17.76 10.95
C GLY B 29 10.45 -19.06 10.42
N VAL B 30 9.44 -18.91 9.58
CA VAL B 30 8.69 -20.06 9.06
C VAL B 30 9.52 -21.04 8.22
N ASP B 31 10.49 -20.52 7.48
CA ASP B 31 11.42 -21.34 6.70
C ASP B 31 12.43 -22.11 7.57
N GLY B 32 12.57 -21.69 8.82
CA GLY B 32 13.36 -22.45 9.79
C GLY B 32 12.67 -23.69 10.32
N LEU B 33 11.37 -23.83 10.02
CA LEU B 33 10.59 -24.98 10.49
C LEU B 33 10.69 -26.21 9.61
N SER B 34 11.10 -27.32 10.22
CA SER B 34 11.08 -28.62 9.56
C SER B 34 10.42 -29.70 10.45
N LEU B 35 9.40 -30.35 9.94
CA LEU B 35 8.69 -31.37 10.74
C LEU B 35 9.64 -32.51 11.13
N ARG B 36 10.42 -32.99 10.17
CA ARG B 36 11.38 -34.08 10.45
C ARG B 36 12.47 -33.70 11.45
N GLN B 37 13.02 -32.49 11.32
N GLN B 37 13.02 -32.50 11.29
CA GLN B 37 14.06 -32.03 12.22
CA GLN B 37 14.04 -31.98 12.21
C GLN B 37 13.52 -31.79 13.64
C GLN B 37 13.50 -31.86 13.63
N LEU B 38 12.29 -31.28 13.74
CA LEU B 38 11.60 -31.12 15.05
C LEU B 38 11.29 -32.45 15.74
N ALA B 39 10.80 -33.40 14.94
CA ALA B 39 10.53 -34.76 15.38
C ALA B 39 11.81 -35.42 15.92
N ARG B 40 12.90 -35.30 15.17
N ARG B 40 12.90 -35.33 15.16
CA ARG B 40 14.18 -35.89 15.55
CA ARG B 40 14.17 -35.90 15.54
C ARG B 40 15.09 -34.96 16.36
C ARG B 40 14.72 -35.28 16.83
N GLU B 41 14.46 -33.98 17.01
CA GLU B 41 15.05 -33.21 18.12
C GLU B 41 14.37 -33.65 19.40
N ALA B 42 13.10 -34.04 19.27
CA ALA B 42 12.28 -34.56 20.37
C ALA B 42 12.54 -36.06 20.61
N GLY B 43 13.63 -36.58 20.05
CA GLY B 43 14.04 -37.97 20.23
C GLY B 43 13.21 -39.03 19.51
N VAL B 44 12.51 -38.65 18.44
CA VAL B 44 11.81 -39.63 17.57
C VAL B 44 12.84 -40.57 16.87
N SER B 45 12.60 -41.88 16.97
CA SER B 45 13.60 -42.90 16.61
C SER B 45 12.98 -44.23 16.09
N HIS B 46 13.79 -45.29 15.94
CA HIS B 46 13.34 -46.59 15.37
C HIS B 46 12.17 -47.25 16.11
N ALA B 47 12.17 -47.17 17.44
CA ALA B 47 11.16 -47.85 18.28
C ALA B 47 9.76 -47.23 18.28
N ALA B 48 9.68 -45.95 17.89
CA ALA B 48 8.42 -45.25 17.62
C ALA B 48 8.68 -44.08 16.65
N PRO B 49 8.52 -44.34 15.34
CA PRO B 49 8.94 -43.40 14.28
C PRO B 49 7.96 -42.26 13.94
N SER B 50 6.80 -42.21 14.61
CA SER B 50 5.76 -41.22 14.30
C SER B 50 6.19 -39.76 14.52
N LYS B 51 5.79 -38.89 13.59
CA LYS B 51 5.94 -37.44 13.73
C LYS B 51 4.58 -36.81 14.06
N HIS B 52 3.59 -37.66 14.33
CA HIS B 52 2.19 -37.25 14.58
C HIS B 52 1.54 -36.58 13.38
N PHE B 53 2.07 -35.44 12.97
CA PHE B 53 1.53 -34.69 11.84
C PHE B 53 1.75 -35.40 10.51
N ARG B 54 0.71 -35.47 9.69
CA ARG B 54 0.76 -36.02 8.34
C ARG B 54 1.90 -35.41 7.51
N ASP B 55 2.08 -34.10 7.65
CA ASP B 55 3.09 -33.38 6.87
C ASP B 55 3.28 -31.98 7.46
N ARG B 56 4.21 -31.25 6.84
CA ARG B 56 4.53 -29.91 7.24
C ARG B 56 3.29 -29.02 7.25
N GLN B 57 2.48 -29.08 6.21
CA GLN B 57 1.29 -28.22 6.19
C GLN B 57 0.35 -28.49 7.37
N ALA B 58 0.28 -29.73 7.83
CA ALA B 58 -0.61 -30.03 8.97
C ALA B 58 -0.04 -29.41 10.25
N LEU B 59 1.29 -29.34 10.34
CA LEU B 59 1.94 -28.67 11.46
C LEU B 59 1.70 -27.15 11.42
N LEU B 60 1.87 -26.55 10.24
CA LEU B 60 1.67 -25.10 10.08
C LEU B 60 0.22 -24.69 10.38
N ASP B 61 -0.74 -25.50 9.92
CA ASP B 61 -2.14 -25.27 10.19
C ASP B 61 -2.47 -25.36 11.69
N ALA B 62 -1.87 -26.33 12.41
CA ALA B 62 -2.17 -26.49 13.84
C ALA B 62 -1.55 -25.32 14.64
N LEU B 63 -0.41 -24.83 14.17
N LEU B 63 -0.39 -24.83 14.20
CA LEU B 63 0.26 -23.69 14.78
CA LEU B 63 0.22 -23.65 14.81
C LEU B 63 -0.53 -22.37 14.56
C LEU B 63 -0.66 -22.41 14.61
N ALA B 64 -1.10 -22.20 13.37
CA ALA B 64 -1.93 -21.04 13.04
C ALA B 64 -3.22 -21.12 13.86
N GLU B 65 -3.83 -22.32 13.92
CA GLU B 65 -5.08 -22.52 14.69
C GLU B 65 -4.88 -22.26 16.19
N SER B 66 -3.79 -22.78 16.73
CA SER B 66 -3.43 -22.53 18.12
C SER B 66 -3.28 -21.03 18.42
N GLY B 67 -2.65 -20.32 17.48
CA GLY B 67 -2.43 -18.87 17.61
C GLY B 67 -3.74 -18.09 17.71
N PHE B 68 -4.70 -18.44 16.86
CA PHE B 68 -5.98 -17.74 16.91
C PHE B 68 -6.74 -18.03 18.18
N LEU B 69 -6.70 -19.30 18.63
CA LEU B 69 -7.35 -19.66 19.91
C LEU B 69 -6.73 -18.89 21.09
N ARG B 70 -5.43 -18.76 21.10
CA ARG B 70 -4.73 -18.01 22.16
C ARG B 70 -4.99 -16.50 22.11
N LEU B 71 -5.06 -15.94 20.91
CA LEU B 71 -5.44 -14.54 20.75
C LEU B 71 -6.87 -14.30 21.25
N THR B 72 -7.81 -15.17 20.88
CA THR B 72 -9.18 -15.02 21.37
C THR B 72 -9.18 -15.10 22.89
N ALA B 73 -8.42 -16.04 23.44
CA ALA B 73 -8.34 -16.15 24.88
C ALA B 73 -7.77 -14.87 25.52
N ALA B 74 -6.73 -14.28 24.93
CA ALA B 74 -6.13 -13.03 25.45
C ALA B 74 -7.11 -11.86 25.37
N LEU B 75 -7.87 -11.80 24.28
CA LEU B 75 -8.91 -10.75 24.15
C LEU B 75 -10.02 -10.92 25.20
N GLU B 76 -10.50 -12.16 25.37
CA GLU B 76 -11.52 -12.46 26.42
C GLU B 76 -11.04 -12.07 27.82
N ARG B 77 -9.78 -12.37 28.16
N ARG B 77 -9.78 -12.38 28.14
CA ARG B 77 -9.26 -12.03 29.48
CA ARG B 77 -9.20 -12.02 29.45
C ARG B 77 -9.09 -10.51 29.68
C ARG B 77 -9.19 -10.51 29.64
N ALA B 78 -8.77 -9.79 28.61
CA ALA B 78 -8.72 -8.34 28.66
C ALA B 78 -10.10 -7.76 28.97
N VAL B 79 -11.13 -8.31 28.32
CA VAL B 79 -12.50 -7.87 28.58
C VAL B 79 -12.89 -8.16 30.04
N GLU B 80 -12.55 -9.35 30.54
N GLU B 80 -12.51 -9.34 30.53
CA GLU B 80 -12.86 -9.73 31.93
CA GLU B 80 -12.85 -9.76 31.88
C GLU B 80 -12.19 -8.81 32.96
C GLU B 80 -12.14 -8.93 32.98
N GLU B 81 -10.98 -8.37 32.64
CA GLU B 81 -10.16 -7.58 33.56
C GLU B 81 -10.72 -6.15 33.72
N ALA B 82 -11.32 -5.61 32.67
CA ALA B 82 -11.70 -4.21 32.59
C ALA B 82 -13.07 -3.96 33.22
N GLU B 83 -13.33 -2.71 33.57
CA GLU B 83 -14.65 -2.24 33.93
C GLU B 83 -15.63 -2.72 32.85
N SER B 84 -16.88 -2.95 33.25
CA SER B 84 -17.85 -3.63 32.41
C SER B 84 -18.63 -2.63 31.59
N HIS B 85 -17.96 -1.68 30.97
CA HIS B 85 -18.61 -0.75 30.06
C HIS B 85 -17.74 -0.56 28.83
N ALA B 86 -18.41 -0.18 27.74
CA ALA B 86 -17.83 -0.16 26.40
C ALA B 86 -16.49 0.60 26.29
N ARG B 87 -16.42 1.83 26.78
CA ARG B 87 -15.19 2.61 26.63
C ARG B 87 -14.00 1.88 27.27
N ALA B 88 -14.17 1.32 28.48
CA ALA B 88 -13.12 0.51 29.14
C ALA B 88 -12.74 -0.76 28.36
N ARG B 89 -13.75 -1.47 27.86
CA ARG B 89 -13.54 -2.69 27.08
C ARG B 89 -12.84 -2.40 25.75
N PHE B 90 -13.22 -1.32 25.06
CA PHE B 90 -12.55 -0.94 23.79
C PHE B 90 -11.06 -0.70 24.00
N ALA B 91 -10.71 0.02 25.07
CA ALA B 91 -9.34 0.33 25.39
C ALA B 91 -8.58 -0.94 25.74
N ALA B 92 -9.23 -1.82 26.52
CA ALA B 92 -8.55 -3.05 26.95
C ALA B 92 -8.27 -3.98 25.79
N LEU B 93 -9.20 -4.05 24.84
CA LEU B 93 -9.06 -4.93 23.67
C LEU B 93 -7.89 -4.47 22.81
N ALA B 94 -7.78 -3.15 22.58
CA ALA B 94 -6.72 -2.60 21.72
C ALA B 94 -5.37 -2.89 22.34
N GLY B 95 -5.25 -2.57 23.63
CA GLY B 95 -4.00 -2.81 24.37
C GLY B 95 -3.60 -4.28 24.33
N ALA B 96 -4.57 -5.16 24.56
CA ALA B 96 -4.30 -6.59 24.55
C ALA B 96 -3.92 -7.09 23.16
N TYR B 97 -4.61 -6.63 22.12
CA TYR B 97 -4.21 -6.97 20.75
C TYR B 97 -2.75 -6.60 20.44
N VAL B 98 -2.40 -5.34 20.68
CA VAL B 98 -1.04 -4.89 20.42
C VAL B 98 -0.01 -5.70 21.23
N SER B 99 -0.27 -5.95 22.50
CA SER B 99 0.64 -6.73 23.35
C SER B 99 0.83 -8.15 22.82
N PHE B 100 -0.27 -8.76 22.39
CA PHE B 100 -0.17 -10.08 21.79
C PHE B 100 0.69 -10.10 20.51
N ALA B 101 0.42 -9.14 19.61
CA ALA B 101 1.13 -8.99 18.35
C ALA B 101 2.62 -8.81 18.59
N LEU B 102 2.98 -7.99 19.58
CA LEU B 102 4.39 -7.72 19.81
C LEU B 102 5.07 -8.86 20.55
N ALA B 103 4.29 -9.65 21.29
CA ALA B 103 4.83 -10.81 21.98
C ALA B 103 4.96 -12.08 21.12
N HIS B 104 4.23 -12.15 20.00
CA HIS B 104 4.21 -13.35 19.16
C HIS B 104 4.32 -12.99 17.68
N ARG B 105 5.42 -12.32 17.32
N ARG B 105 5.42 -12.31 17.33
CA ARG B 105 5.55 -11.68 16.01
CA ARG B 105 5.55 -11.69 16.02
C ARG B 105 5.57 -12.66 14.84
C ARG B 105 5.54 -12.67 14.86
N GLU B 106 6.38 -13.72 14.93
CA GLU B 106 6.40 -14.73 13.85
C GLU B 106 5.13 -15.58 13.84
N LEU B 107 4.61 -15.90 15.02
CA LEU B 107 3.35 -16.63 15.10
C LEU B 107 2.20 -15.84 14.47
N LEU B 108 2.09 -14.56 14.79
CA LEU B 108 1.05 -13.74 14.16
C LEU B 108 1.19 -13.65 12.63
N ALA B 109 2.42 -13.50 12.15
CA ALA B 109 2.67 -13.52 10.70
C ALA B 109 2.16 -14.85 10.07
N LEU B 110 2.48 -15.96 10.72
CA LEU B 110 1.99 -17.27 10.26
C LEU B 110 0.46 -17.39 10.31
N TYR B 112 -1.88 -15.08 10.10
CA TYR B 112 -2.54 -14.28 9.05
C TYR B 112 -2.24 -14.78 7.66
N GLY B 113 -0.99 -15.20 7.42
CA GLY B 113 -0.57 -15.77 6.16
C GLY B 113 -1.30 -17.06 5.82
N ASN B 114 -1.33 -17.97 6.79
CA ASN B 114 -2.02 -19.24 6.67
C ASN B 114 -3.52 -19.03 6.47
N LYS B 115 -4.15 -18.25 7.34
CA LYS B 115 -5.61 -18.05 7.29
C LYS B 115 -6.09 -17.53 5.93
N HIS B 116 -5.25 -16.77 5.23
CA HIS B 116 -5.70 -16.16 3.98
C HIS B 116 -5.08 -16.74 2.70
N ALA B 117 -4.30 -17.81 2.85
CA ALA B 117 -3.75 -18.53 1.69
C ALA B 117 -4.88 -19.23 0.93
N PRO B 118 -4.73 -19.36 -0.41
CA PRO B 118 -5.64 -20.15 -1.23
C PRO B 118 -5.92 -21.52 -0.60
N GLY B 119 -7.19 -21.80 -0.30
CA GLY B 119 -7.56 -23.12 0.26
C GLY B 119 -7.17 -23.33 1.71
N ALA B 120 -7.18 -22.25 2.50
CA ALA B 120 -6.90 -22.33 3.93
C ALA B 120 -7.79 -23.37 4.62
N ALA B 121 -7.22 -24.10 5.57
CA ALA B 121 -7.99 -25.12 6.27
C ALA B 121 -9.10 -24.51 7.13
N SER B 122 -10.25 -25.19 7.14
CA SER B 122 -11.47 -24.71 7.80
C SER B 122 -11.32 -24.40 9.30
N GLN B 123 -10.55 -25.22 10.04
CA GLN B 123 -10.24 -24.94 11.47
C GLN B 123 -9.54 -23.59 11.67
N VAL B 124 -8.61 -23.27 10.78
CA VAL B 124 -7.85 -22.03 10.89
C VAL B 124 -8.79 -20.85 10.62
N VAL B 125 -9.55 -20.98 9.54
CA VAL B 125 -10.55 -19.98 9.17
C VAL B 125 -11.54 -19.70 10.30
N GLU B 126 -12.13 -20.74 10.88
N GLU B 126 -12.12 -20.76 10.87
CA GLU B 126 -13.14 -20.58 11.95
CA GLU B 126 -13.12 -20.65 11.96
C GLU B 126 -12.57 -19.97 13.24
C GLU B 126 -12.57 -20.01 13.24
N ALA B 127 -11.35 -20.37 13.60
CA ALA B 127 -10.66 -19.80 14.76
C ALA B 127 -10.33 -18.31 14.56
N GLY B 128 -9.89 -17.92 13.37
CA GLY B 128 -9.68 -16.49 13.04
C GLY B 128 -10.96 -15.66 13.16
N HIS B 129 -12.06 -16.23 12.67
N HIS B 129 -12.03 -16.26 12.67
CA HIS B 129 -13.38 -15.61 12.76
CA HIS B 129 -13.40 -15.75 12.74
C HIS B 129 -13.79 -15.35 14.19
C HIS B 129 -13.81 -15.40 14.16
N ALA B 130 -13.44 -16.25 15.11
CA ALA B 130 -13.85 -16.10 16.51
C ALA B 130 -13.27 -14.89 17.21
N SER B 131 -12.00 -14.56 16.90
CA SER B 131 -11.37 -13.37 17.46
C SER B 131 -12.16 -12.13 16.99
N ASP B 133 -15.30 -12.00 15.89
CA ASP B 133 -16.66 -12.09 16.44
C ASP B 133 -16.78 -11.49 17.81
N LEU B 134 -15.83 -11.77 18.67
N LEU B 134 -15.80 -11.78 18.65
CA LEU B 134 -15.82 -11.20 20.01
CA LEU B 134 -15.68 -11.22 19.98
C LEU B 134 -15.79 -9.67 19.89
C LEU B 134 -15.70 -9.69 19.93
N THR B 135 -14.91 -9.16 19.02
N THR B 135 -14.90 -9.12 19.02
CA THR B 135 -14.79 -7.73 18.83
CA THR B 135 -14.85 -7.67 18.91
C THR B 135 -16.12 -7.13 18.39
C THR B 135 -16.15 -7.09 18.38
N VAL B 136 -16.74 -7.74 17.38
CA VAL B 136 -18.02 -7.30 16.82
C VAL B 136 -19.11 -7.27 17.90
N ARG B 137 -19.12 -8.30 18.77
N ARG B 137 -19.16 -8.30 18.78
CA ARG B 137 -20.08 -8.42 19.87
CA ARG B 137 -20.16 -8.33 19.85
C ARG B 137 -19.92 -7.28 20.87
C ARG B 137 -19.95 -7.21 20.86
N ILE B 138 -18.68 -6.95 21.19
CA ILE B 138 -18.35 -5.83 22.09
C ILE B 138 -18.85 -4.49 21.50
N VAL B 139 -18.68 -4.30 20.19
CA VAL B 139 -19.17 -3.09 19.48
C VAL B 139 -20.70 -3.06 19.51
N THR B 140 -21.31 -4.21 19.21
CA THR B 140 -22.79 -4.31 19.18
C THR B 140 -23.37 -3.99 20.57
N GLU B 141 -22.77 -4.52 21.63
CA GLU B 141 -23.21 -4.19 23.00
C GLU B 141 -23.04 -2.72 23.35
N ALA B 142 -21.99 -2.10 22.81
CA ALA B 142 -21.77 -0.67 22.96
C ALA B 142 -22.86 0.17 22.30
N GLN B 143 -23.28 -0.23 21.11
CA GLN B 143 -24.39 0.43 20.42
C GLN B 143 -25.70 0.22 21.18
N ALA B 144 -25.91 -1.00 21.69
CA ALA B 144 -27.10 -1.35 22.50
C ALA B 144 -27.19 -0.58 23.81
N ALA B 145 -26.03 -0.24 24.39
CA ALA B 145 -25.96 0.57 25.61
C ALA B 145 -26.13 2.07 25.31
N GLY B 146 -26.18 2.41 24.02
CA GLY B 146 -26.28 3.80 23.57
C GLY B 146 -24.99 4.59 23.71
N ASP B 147 -23.87 3.88 23.90
CA ASP B 147 -22.59 4.54 24.16
C ASP B 147 -21.96 5.08 22.87
N ILE B 148 -22.13 4.33 21.79
CA ILE B 148 -21.66 4.75 20.46
C ILE B 148 -22.83 4.79 19.49
N GLY B 149 -22.69 5.55 18.42
CA GLY B 149 -23.78 5.74 17.47
C GLY B 149 -24.09 4.52 16.61
N PRO B 150 -25.19 4.60 15.82
CA PRO B 150 -25.61 3.51 14.92
C PRO B 150 -24.62 3.23 13.79
N GLY B 151 -24.80 2.10 13.13
CA GLY B 151 -23.95 1.71 12.02
C GLY B 151 -23.54 0.26 12.12
N ASP B 152 -22.92 -0.22 11.04
CA ASP B 152 -22.56 -1.61 10.89
C ASP B 152 -21.39 -1.98 11.82
N ALA B 153 -21.67 -2.73 12.89
CA ALA B 153 -20.66 -3.17 13.86
C ALA B 153 -19.48 -3.91 13.25
N SER B 154 -19.70 -4.65 12.16
N SER B 154 -19.71 -4.65 12.17
CA SER B 154 -18.59 -5.37 11.54
CA SER B 154 -18.61 -5.36 11.53
C SER B 154 -17.60 -4.42 10.85
C SER B 154 -17.60 -4.39 10.91
N ARG B 155 -18.10 -3.30 10.32
CA ARG B 155 -17.23 -2.28 9.73
C ARG B 155 -16.50 -1.46 10.79
N ILE B 156 -17.22 -1.10 11.87
CA ILE B 156 -16.59 -0.45 13.03
C ILE B 156 -15.48 -1.33 13.58
N ALA B 157 -15.78 -2.60 13.83
CA ALA B 157 -14.75 -3.52 14.31
C ALA B 157 -13.57 -3.65 13.32
N LEU B 158 -13.84 -3.66 12.02
CA LEU B 158 -12.77 -3.73 11.02
C LEU B 158 -11.82 -2.49 11.04
N VAL B 159 -12.40 -1.28 11.20
CA VAL B 159 -11.57 -0.07 11.34
C VAL B 159 -10.69 -0.16 12.61
N ALA B 160 -11.25 -0.68 13.71
CA ALA B 160 -10.48 -0.84 14.93
C ALA B 160 -9.34 -1.82 14.69
N PHE B 161 -9.64 -2.94 14.03
CA PHE B 161 -8.60 -3.94 13.75
C PHE B 161 -7.48 -3.36 12.89
N ALA B 162 -7.86 -2.62 11.85
CA ALA B 162 -6.88 -1.97 10.99
C ALA B 162 -5.98 -1.01 11.79
N THR B 163 -6.59 -0.20 12.66
CA THR B 163 -5.89 0.78 13.47
C THR B 163 -4.84 0.12 14.38
N PHE B 164 -5.26 -0.89 15.14
CA PHE B 164 -4.37 -1.52 16.11
C PHE B 164 -3.39 -2.50 15.50
N HIS B 165 -3.77 -3.13 14.39
CA HIS B 165 -2.80 -3.88 13.62
C HIS B 165 -1.80 -2.95 12.93
N GLY B 166 -2.29 -1.79 12.51
CA GLY B 166 -1.40 -0.73 11.98
C GLY B 166 -0.36 -0.34 13.02
N ILE B 167 -0.81 -0.05 14.25
CA ILE B 167 0.14 0.30 15.32
C ILE B 167 1.13 -0.83 15.61
N ALA B 168 0.65 -2.07 15.77
CA ALA B 168 1.57 -3.22 15.95
C ALA B 168 2.58 -3.37 14.76
N THR B 169 2.09 -3.10 13.56
CA THR B 169 2.92 -3.16 12.36
C THR B 169 4.02 -2.09 12.37
N LEU B 170 3.67 -0.85 12.71
N LEU B 170 3.66 -0.86 12.74
CA LEU B 170 4.67 0.20 12.79
CA LEU B 170 4.61 0.25 12.82
C LEU B 170 5.70 -0.16 13.86
C LEU B 170 5.65 0.02 13.93
N ALA B 171 5.23 -0.56 15.05
CA ALA B 171 6.14 -0.87 16.17
C ALA B 171 7.11 -1.96 15.77
N ALA B 172 6.60 -3.00 15.11
CA ALA B 172 7.47 -4.10 14.69
C ALA B 172 8.47 -3.64 13.62
N GLY B 173 8.12 -2.61 12.86
CA GLY B 173 8.96 -2.11 11.77
C GLY B 173 9.85 -0.95 12.20
N GLY B 174 9.84 -0.66 13.50
CA GLY B 174 10.64 0.43 14.05
C GLY B 174 10.20 1.80 13.54
N LEU B 176 7.73 3.96 14.77
CA LEU B 176 7.11 4.91 15.70
C LEU B 176 8.01 6.12 16.04
N ASP B 177 9.26 6.09 15.56
CA ASP B 177 10.25 7.16 15.81
C ASP B 177 10.28 7.57 17.28
N GLY B 178 10.41 6.58 18.16
CA GLY B 178 10.57 6.84 19.59
C GLY B 178 9.31 7.18 20.39
N ALA B 179 8.14 7.25 19.74
CA ALA B 179 6.87 7.38 20.47
C ALA B 179 6.55 6.06 21.15
N PRO B 180 6.40 6.08 22.50
CA PRO B 180 6.15 4.85 23.21
C PRO B 180 4.87 4.18 22.66
N VAL B 181 4.95 2.91 22.26
CA VAL B 181 3.78 2.20 21.70
C VAL B 181 2.51 2.33 22.58
N ASP B 182 2.66 2.22 23.89
CA ASP B 182 1.52 2.36 24.81
C ASP B 182 0.87 3.74 24.66
N GLU B 183 1.67 4.78 24.41
CA GLU B 183 1.09 6.13 24.22
C GLU B 183 0.37 6.26 22.87
N VAL B 184 0.90 5.60 21.84
CA VAL B 184 0.23 5.59 20.50
C VAL B 184 -1.13 4.83 20.56
N VAL B 185 -1.11 3.64 21.17
CA VAL B 185 -2.36 2.87 21.37
C VAL B 185 -3.45 3.72 22.06
N THR B 186 -3.08 4.37 23.15
CA THR B 186 -4.04 5.18 23.93
C THR B 186 -4.60 6.34 23.14
N ALA B 187 -3.73 7.09 22.44
CA ALA B 187 -4.22 8.17 21.59
C ALA B 187 -5.16 7.65 20.50
N ALA B 188 -4.78 6.56 19.83
CA ALA B 188 -5.66 5.94 18.85
C ALA B 188 -6.99 5.47 19.47
N SER B 189 -6.93 4.88 20.67
CA SER B 189 -8.20 4.46 21.33
C SER B 189 -9.09 5.62 21.68
N ASP B 190 -8.52 6.66 22.28
CA ASP B 190 -9.30 7.87 22.63
C ASP B 190 -9.94 8.50 21.39
N THR B 191 -9.16 8.63 20.32
CA THR B 191 -9.66 9.27 19.09
C THR B 191 -10.77 8.43 18.44
N PHE B 192 -10.53 7.12 18.33
CA PHE B 192 -11.55 6.17 17.88
C PHE B 192 -12.83 6.28 18.72
N TRP B 193 -12.70 6.24 20.04
CA TRP B 193 -13.86 6.33 20.92
C TRP B 193 -14.65 7.63 20.67
N ARG B 194 -13.95 8.76 20.65
CA ARG B 194 -14.60 10.06 20.40
C ARG B 194 -15.28 10.09 19.05
N GLY B 195 -14.66 9.47 18.04
CA GLY B 195 -15.24 9.47 16.69
C GLY B 195 -16.47 8.59 16.54
N LEU B 196 -16.63 7.62 17.44
CA LEU B 196 -17.85 6.80 17.45
C LEU B 196 -18.90 7.28 18.44
N ALA B 197 -18.46 7.95 19.51
CA ALA B 197 -19.30 8.25 20.68
C ALA B 197 -20.56 9.05 20.38
N GLN B 198 -21.60 8.71 21.14
CA GLN B 198 -22.91 9.34 21.09
C GLN B 198 -23.20 10.03 22.43
N GLU C 5 -62.52 46.06 30.11
CA GLU C 5 -61.21 45.32 30.05
C GLU C 5 -61.02 44.46 31.30
N GLN C 6 -60.47 43.26 31.14
CA GLN C 6 -60.11 42.41 32.28
C GLN C 6 -58.69 42.73 32.71
N PRO C 7 -58.49 43.15 33.98
CA PRO C 7 -57.26 43.82 34.39
C PRO C 7 -55.96 43.10 33.98
N TYR C 8 -55.91 41.77 34.08
CA TYR C 8 -54.68 41.02 33.76
C TYR C 8 -54.77 40.20 32.46
N HIS C 9 -55.69 40.58 31.57
CA HIS C 9 -55.91 39.84 30.32
C HIS C 9 -55.95 40.72 29.08
N HIS C 10 -55.05 41.69 29.00
CA HIS C 10 -54.95 42.48 27.77
C HIS C 10 -53.52 42.75 27.32
N GLY C 11 -53.37 42.91 26.02
CA GLY C 11 -52.08 43.13 25.35
C GLY C 11 -51.58 44.54 25.52
N SER C 12 -50.34 44.77 25.10
CA SER C 12 -49.77 46.12 25.10
C SER C 12 -50.53 46.99 24.10
N LEU C 13 -50.69 48.27 24.44
CA LEU C 13 -51.22 49.20 23.46
C LEU C 13 -50.43 49.19 22.16
N ARG C 14 -49.10 49.14 22.27
CA ARG C 14 -48.25 49.14 21.06
C ARG C 14 -48.61 47.98 20.14
N ARG C 15 -48.74 46.79 20.71
CA ARG C 15 -49.05 45.61 19.91
C ARG C 15 -50.44 45.67 19.28
N VAL C 16 -51.46 46.04 20.07
N VAL C 16 -51.44 46.03 20.10
CA VAL C 16 -52.82 46.08 19.55
CA VAL C 16 -52.83 46.15 19.64
C VAL C 16 -53.05 47.21 18.52
C VAL C 16 -52.94 47.16 18.49
N LEU C 17 -52.40 48.36 18.72
CA LEU C 17 -52.47 49.45 17.71
C LEU C 17 -51.77 49.09 16.42
N LEU C 18 -50.59 48.49 16.49
CA LEU C 18 -49.86 48.08 15.30
C LEU C 18 -50.65 47.05 14.49
N ALA C 19 -51.31 46.11 15.15
CA ALA C 19 -52.08 45.10 14.42
C ALA C 19 -53.28 45.75 13.69
N ARG C 20 -54.02 46.62 14.39
CA ARG C 20 -55.11 47.36 13.76
C ARG C 20 -54.65 48.32 12.67
N ALA C 21 -53.57 49.06 12.92
CA ALA C 21 -52.99 49.92 11.89
C ALA C 21 -52.69 49.13 10.62
N GLU C 22 -52.05 47.97 10.75
CA GLU C 22 -51.69 47.19 9.56
C GLU C 22 -52.96 46.72 8.83
N SER C 23 -53.96 46.26 9.59
CA SER C 23 -55.26 45.93 9.02
C SER C 23 -55.90 47.11 8.22
N THR C 24 -55.95 48.27 8.84
CA THR C 24 -56.43 49.48 8.16
C THR C 24 -55.55 49.84 6.94
N LEU C 25 -54.24 49.74 7.10
CA LEU C 25 -53.30 50.01 6.00
C LEU C 25 -53.65 49.16 4.78
N GLU C 26 -53.79 47.86 4.97
CA GLU C 26 -54.03 46.95 3.83
C GLU C 26 -55.41 47.18 3.16
N LYS C 27 -56.40 47.58 3.96
CA LYS C 27 -57.73 47.83 3.40
C LYS C 27 -57.90 49.26 2.86
N ASP C 28 -57.44 50.25 3.63
CA ASP C 28 -57.74 51.67 3.36
C ASP C 28 -56.56 52.52 2.85
N GLY C 29 -55.39 51.91 2.69
CA GLY C 29 -54.18 52.63 2.28
C GLY C 29 -53.66 53.52 3.41
N VAL C 30 -52.46 54.05 3.23
CA VAL C 30 -51.80 54.91 4.24
C VAL C 30 -52.64 56.15 4.62
N ASP C 31 -53.42 56.66 3.67
CA ASP C 31 -54.32 57.78 3.94
C ASP C 31 -55.49 57.40 4.85
N GLY C 32 -55.85 56.13 4.89
CA GLY C 32 -56.83 55.62 5.86
C GLY C 32 -56.34 55.59 7.31
N LEU C 33 -55.04 55.65 7.53
CA LEU C 33 -54.47 55.53 8.89
C LEU C 33 -54.53 56.82 9.70
N SER C 34 -55.15 56.75 10.87
CA SER C 34 -55.12 57.85 11.83
C SER C 34 -54.88 57.24 13.20
N LEU C 35 -53.83 57.70 13.87
CA LEU C 35 -53.48 57.21 15.19
C LEU C 35 -54.62 57.46 16.17
N ARG C 36 -55.13 58.68 16.17
CA ARG C 36 -56.29 59.03 16.98
C ARG C 36 -57.51 58.13 16.66
N GLN C 37 -57.82 57.92 15.39
CA GLN C 37 -58.93 57.03 15.05
C GLN C 37 -58.71 55.56 15.51
N LEU C 38 -57.52 55.00 15.28
CA LEU C 38 -57.21 53.63 15.73
C LEU C 38 -57.30 53.51 17.24
N ALA C 39 -56.83 54.55 17.93
CA ALA C 39 -56.94 54.64 19.36
C ALA C 39 -58.40 54.53 19.79
N ARG C 40 -59.28 55.35 19.23
N ARG C 40 -59.27 55.35 19.19
CA ARG C 40 -60.71 55.30 19.57
CA ARG C 40 -60.71 55.36 19.49
C ARG C 40 -61.30 53.91 19.31
C ARG C 40 -61.36 53.99 19.25
N GLU C 41 -60.95 53.32 18.17
CA GLU C 41 -61.42 51.96 17.82
C GLU C 41 -61.00 50.90 18.84
N ALA C 42 -59.81 51.06 19.40
CA ALA C 42 -59.28 50.07 20.35
C ALA C 42 -59.85 50.30 21.76
N GLY C 43 -60.70 51.31 21.88
CA GLY C 43 -61.37 51.59 23.14
C GLY C 43 -60.68 52.57 24.09
N VAL C 44 -59.66 53.28 23.63
CA VAL C 44 -59.05 54.33 24.47
C VAL C 44 -59.91 55.60 24.52
N SER C 45 -60.08 56.13 25.74
CA SER C 45 -61.09 57.16 26.03
C SER C 45 -60.53 58.33 26.83
N HIS C 46 -61.37 59.33 27.11
CA HIS C 46 -60.97 60.46 27.97
C HIS C 46 -60.49 59.97 29.36
N ALA C 47 -61.04 58.83 29.83
CA ALA C 47 -60.64 58.18 31.09
C ALA C 47 -59.16 57.74 31.17
N ALA C 48 -58.75 56.81 30.31
CA ALA C 48 -57.34 56.45 30.15
C ALA C 48 -56.93 56.76 28.71
N PRO C 49 -56.33 57.95 28.48
CA PRO C 49 -56.19 58.49 27.13
C PRO C 49 -54.89 58.13 26.39
N SER C 50 -54.03 57.30 26.99
CA SER C 50 -52.78 56.93 26.32
C SER C 50 -53.00 56.15 25.01
N LYS C 51 -52.28 56.55 23.96
CA LYS C 51 -52.30 55.77 22.74
C LYS C 51 -50.89 55.26 22.36
N HIS C 52 -50.04 55.21 23.38
CA HIS C 52 -48.67 54.71 23.29
C HIS C 52 -47.76 55.57 22.43
N PHE C 53 -48.07 55.62 21.13
CA PHE C 53 -47.25 56.35 20.15
C PHE C 53 -47.34 57.85 20.35
N ARG C 54 -46.19 58.51 20.34
CA ARG C 54 -46.08 59.95 20.53
C ARG C 54 -46.92 60.72 19.51
N ASP C 55 -46.90 60.25 18.27
CA ASP C 55 -47.60 60.86 17.16
C ASP C 55 -47.75 59.88 15.99
N ARG C 56 -48.41 60.32 14.93
N ARG C 56 -48.43 60.33 14.94
CA ARG C 56 -48.63 59.53 13.71
CA ARG C 56 -48.63 59.58 13.72
C ARG C 56 -47.31 59.04 13.12
C ARG C 56 -47.33 59.05 13.13
N GLN C 57 -46.32 59.91 13.01
CA GLN C 57 -45.03 59.50 12.43
C GLN C 57 -44.39 58.32 13.21
N ALA C 58 -44.53 58.32 14.55
CA ALA C 58 -43.99 57.24 15.36
C ALA C 58 -44.68 55.90 15.00
N LEU C 59 -45.99 55.96 14.78
CA LEU C 59 -46.73 54.80 14.34
C LEU C 59 -46.26 54.29 12.95
N LEU C 60 -46.14 55.19 11.99
CA LEU C 60 -45.70 54.81 10.64
C LEU C 60 -44.31 54.22 10.67
N ASP C 61 -43.41 54.83 11.45
CA ASP C 61 -42.03 54.32 11.57
C ASP C 61 -42.03 52.90 12.16
N ALA C 62 -42.90 52.65 13.16
CA ALA C 62 -42.95 51.35 13.80
C ALA C 62 -43.49 50.32 12.83
N LEU C 63 -44.45 50.71 11.99
CA LEU C 63 -45.00 49.80 10.98
C LEU C 63 -43.96 49.44 9.91
N ALA C 64 -43.23 50.46 9.44
CA ALA C 64 -42.22 50.27 8.44
C ALA C 64 -41.09 49.37 8.97
N GLU C 65 -40.66 49.62 10.22
CA GLU C 65 -39.56 48.82 10.83
C GLU C 65 -40.01 47.37 10.99
N SER C 66 -41.23 47.19 11.49
CA SER C 66 -41.84 45.87 11.64
C SER C 66 -41.89 45.10 10.32
N GLY C 67 -42.30 45.76 9.24
CA GLY C 67 -42.32 45.15 7.91
C GLY C 67 -40.94 44.68 7.44
N PHE C 68 -39.90 45.52 7.61
CA PHE C 68 -38.55 45.09 7.27
C PHE C 68 -38.11 43.90 8.11
N LEU C 69 -38.39 43.94 9.42
CA LEU C 69 -37.99 42.80 10.27
C LEU C 69 -38.67 41.51 9.81
N ARG C 70 -39.91 41.62 9.37
CA ARG C 70 -40.66 40.44 8.93
C ARG C 70 -40.24 39.96 7.55
N LEU C 71 -39.82 40.88 6.69
CA LEU C 71 -39.31 40.49 5.38
C LEU C 71 -37.99 39.70 5.55
N THR C 72 -37.11 40.22 6.41
CA THR C 72 -35.82 39.57 6.67
C THR C 72 -36.08 38.18 7.23
N ALA C 73 -37.04 38.07 8.15
CA ALA C 73 -37.44 36.79 8.74
C ALA C 73 -37.97 35.82 7.68
N ALA C 74 -38.77 36.32 6.75
CA ALA C 74 -39.28 35.51 5.65
C ALA C 74 -38.19 34.99 4.73
N LEU C 75 -37.23 35.85 4.41
CA LEU C 75 -36.10 35.48 3.59
C LEU C 75 -35.21 34.43 4.32
N GLU C 76 -34.98 34.63 5.62
CA GLU C 76 -34.20 33.66 6.39
C GLU C 76 -34.91 32.30 6.41
N ARG C 77 -36.21 32.29 6.66
CA ARG C 77 -36.95 31.02 6.62
C ARG C 77 -36.88 30.29 5.25
N ALA C 78 -36.96 31.05 4.16
CA ALA C 78 -36.85 30.44 2.82
C ALA C 78 -35.49 29.77 2.59
N VAL C 79 -34.43 30.44 3.00
CA VAL C 79 -33.09 29.87 2.99
C VAL C 79 -32.96 28.58 3.81
N GLU C 80 -33.45 28.61 5.05
N GLU C 80 -33.49 28.60 5.03
CA GLU C 80 -33.45 27.42 5.91
CA GLU C 80 -33.44 27.44 5.93
C GLU C 80 -34.24 26.26 5.28
C GLU C 80 -34.40 26.29 5.53
N GLU C 81 -35.35 26.59 4.64
CA GLU C 81 -36.22 25.55 4.03
C GLU C 81 -35.55 24.89 2.82
N ALA C 82 -34.76 25.68 2.08
CA ALA C 82 -34.19 25.24 0.83
C ALA C 82 -32.97 24.35 1.03
N GLU C 83 -32.66 23.54 0.03
CA GLU C 83 -31.34 22.89 -0.06
C GLU C 83 -30.21 23.92 0.12
N SER C 84 -29.06 23.43 0.59
CA SER C 84 -27.91 24.27 0.94
C SER C 84 -27.22 25.04 -0.17
N HIS C 85 -27.23 24.48 -1.37
CA HIS C 85 -26.40 25.03 -2.42
C HIS C 85 -26.98 26.34 -2.99
N ALA C 86 -26.09 27.15 -3.56
CA ALA C 86 -26.39 28.50 -3.98
C ALA C 86 -27.53 28.60 -4.99
N ARG C 87 -27.59 27.68 -5.96
CA ARG C 87 -28.67 27.77 -6.95
C ARG C 87 -30.04 27.68 -6.26
N ALA C 88 -30.19 26.73 -5.33
CA ALA C 88 -31.44 26.55 -4.60
C ALA C 88 -31.74 27.73 -3.67
N ARG C 89 -30.71 28.24 -3.01
N ARG C 89 -30.69 28.24 -3.02
CA ARG C 89 -30.89 29.39 -2.13
CA ARG C 89 -30.78 29.38 -2.15
C ARG C 89 -31.28 30.65 -2.89
C ARG C 89 -31.28 30.63 -2.90
N PHE C 90 -30.69 30.87 -4.07
CA PHE C 90 -31.06 32.02 -4.95
C PHE C 90 -32.53 31.94 -5.39
N ALA C 91 -32.97 30.76 -5.81
CA ALA C 91 -34.35 30.55 -6.23
C ALA C 91 -35.34 30.73 -5.07
N ALA C 92 -34.94 30.30 -3.88
CA ALA C 92 -35.82 30.37 -2.72
C ALA C 92 -35.98 31.79 -2.27
N LEU C 93 -34.89 32.57 -2.30
CA LEU C 93 -34.96 33.99 -1.96
C LEU C 93 -35.90 34.77 -2.87
N ALA C 94 -35.78 34.54 -4.18
CA ALA C 94 -36.61 35.24 -5.17
C ALA C 94 -38.07 34.92 -4.96
N GLY C 95 -38.36 33.64 -4.77
CA GLY C 95 -39.73 33.21 -4.54
C GLY C 95 -40.33 33.82 -3.28
N ALA C 96 -39.53 33.80 -2.20
CA ALA C 96 -40.00 34.36 -0.91
C ALA C 96 -40.20 35.85 -0.97
N TYR C 97 -39.29 36.56 -1.64
CA TYR C 97 -39.45 38.02 -1.83
C TYR C 97 -40.78 38.34 -2.52
N VAL C 98 -40.99 37.71 -3.67
CA VAL C 98 -42.19 37.93 -4.48
C VAL C 98 -43.48 37.57 -3.72
N SER C 99 -43.51 36.42 -3.06
CA SER C 99 -44.65 36.07 -2.19
C SER C 99 -44.91 37.09 -1.10
N PHE C 100 -43.86 37.55 -0.42
CA PHE C 100 -44.02 38.58 0.61
C PHE C 100 -44.63 39.86 0.02
N ALA C 101 -44.05 40.33 -1.10
CA ALA C 101 -44.47 41.58 -1.71
C ALA C 101 -45.95 41.51 -2.05
N LEU C 102 -46.40 40.37 -2.56
CA LEU C 102 -47.77 40.24 -2.98
C LEU C 102 -48.73 40.01 -1.81
N ALA C 103 -48.26 39.44 -0.70
CA ALA C 103 -49.13 39.25 0.46
C ALA C 103 -49.24 40.49 1.32
N HIS C 104 -48.35 41.47 1.11
CA HIS C 104 -48.28 42.65 1.96
C HIS C 104 -48.09 43.93 1.13
N ARG C 105 -48.99 44.16 0.20
CA ARG C 105 -48.76 45.23 -0.78
C ARG C 105 -48.67 46.64 -0.21
N GLU C 106 -49.62 47.04 0.65
CA GLU C 106 -49.58 48.42 1.17
C GLU C 106 -48.47 48.58 2.21
N LEU C 107 -48.23 47.53 2.98
CA LEU C 107 -47.13 47.52 3.94
C LEU C 107 -45.77 47.70 3.22
N LEU C 108 -45.58 46.98 2.12
CA LEU C 108 -44.34 47.13 1.34
C LEU C 108 -44.15 48.55 0.78
N ALA C 109 -45.22 49.12 0.22
CA ALA C 109 -45.17 50.52 -0.25
C ALA C 109 -44.77 51.46 0.89
N LEU C 110 -45.36 51.26 2.07
CA LEU C 110 -45.04 52.09 3.23
C LEU C 110 -43.57 51.93 3.63
N TYR C 112 -40.91 51.07 1.90
CA TYR C 112 -39.98 51.69 0.96
C TYR C 112 -40.13 53.19 0.93
N GLY C 113 -41.37 53.68 1.02
CA GLY C 113 -41.60 55.13 1.08
C GLY C 113 -40.95 55.73 2.33
N ASN C 114 -41.17 55.07 3.45
CA ASN C 114 -40.71 55.59 4.74
C ASN C 114 -39.17 55.59 4.77
N LYS C 115 -38.57 54.47 4.41
CA LYS C 115 -37.11 54.30 4.45
C LYS C 115 -36.39 55.38 3.65
N HIS C 116 -36.97 55.76 2.52
CA HIS C 116 -36.28 56.67 1.61
C HIS C 116 -36.72 58.12 1.69
N ALA C 117 -37.63 58.42 2.61
CA ALA C 117 -38.10 59.77 2.81
C ALA C 117 -37.03 60.59 3.54
N PRO C 118 -37.00 61.91 3.29
CA PRO C 118 -36.11 62.87 4.00
C PRO C 118 -36.13 62.65 5.50
N GLY C 119 -34.97 62.50 6.12
CA GLY C 119 -34.88 62.35 7.58
C GLY C 119 -35.51 61.09 8.17
N ALA C 120 -35.56 60.01 7.37
CA ALA C 120 -36.09 58.70 7.81
C ALA C 120 -35.45 58.23 9.12
N ALA C 121 -36.25 57.61 9.99
CA ALA C 121 -35.77 57.14 11.28
C ALA C 121 -34.67 56.08 11.13
N SER C 122 -33.61 56.19 11.94
CA SER C 122 -32.46 55.28 11.85
C SER C 122 -32.80 53.79 11.98
N GLN C 123 -33.73 53.44 12.88
CA GLN C 123 -34.14 52.03 13.04
C GLN C 123 -34.84 51.46 11.79
N VAL C 124 -35.54 52.31 11.04
CA VAL C 124 -36.16 51.86 9.78
C VAL C 124 -35.06 51.64 8.74
N VAL C 125 -34.15 52.61 8.63
CA VAL C 125 -33.02 52.47 7.70
C VAL C 125 -32.19 51.22 8.02
N GLU C 126 -31.90 51.02 9.30
CA GLU C 126 -31.18 49.87 9.85
C GLU C 126 -31.84 48.52 9.53
N ALA C 127 -33.13 48.42 9.85
CA ALA C 127 -33.92 47.21 9.55
C ALA C 127 -33.93 46.92 8.06
N GLY C 128 -34.07 47.97 7.24
CA GLY C 128 -34.02 47.86 5.77
C GLY C 128 -32.72 47.27 5.20
N HIS C 129 -31.60 47.70 5.75
N HIS C 129 -31.61 47.72 5.78
CA HIS C 129 -30.28 47.22 5.28
CA HIS C 129 -30.25 47.29 5.45
C HIS C 129 -30.05 45.74 5.60
C HIS C 129 -30.06 45.79 5.63
N ALA C 130 -30.71 45.23 6.66
CA ALA C 130 -30.60 43.83 7.02
C ALA C 130 -31.07 42.82 5.95
N SER C 131 -32.17 43.13 5.25
CA SER C 131 -32.73 42.27 4.22
C SER C 131 -31.71 42.23 3.07
N ASP C 133 -28.45 42.92 3.29
CA ASP C 133 -27.22 42.26 3.75
C ASP C 133 -27.29 40.75 3.68
N LEU C 134 -28.43 40.20 4.01
CA LEU C 134 -28.61 38.74 3.93
C LEU C 134 -28.34 38.26 2.50
N THR C 135 -28.92 38.95 1.52
N THR C 135 -28.94 38.95 1.53
CA THR C 135 -28.80 38.57 0.11
CA THR C 135 -28.82 38.66 0.10
C THR C 135 -27.37 38.74 -0.42
C THR C 135 -27.38 38.73 -0.38
N VAL C 136 -26.72 39.83 -0.05
CA VAL C 136 -25.30 40.04 -0.36
C VAL C 136 -24.46 38.91 0.27
N ARG C 137 -24.76 38.54 1.52
CA ARG C 137 -24.04 37.46 2.19
C ARG C 137 -24.19 36.15 1.41
N ILE C 138 -25.42 35.84 0.99
CA ILE C 138 -25.71 34.66 0.17
C ILE C 138 -24.94 34.69 -1.17
N VAL C 139 -24.87 35.86 -1.83
CA VAL C 139 -24.12 35.96 -3.10
C VAL C 139 -22.61 35.72 -2.85
N THR C 140 -22.09 36.33 -1.79
CA THR C 140 -20.67 36.22 -1.40
C THR C 140 -20.27 34.78 -1.07
N GLU C 141 -21.11 34.06 -0.31
CA GLU C 141 -20.92 32.63 -0.10
C GLU C 141 -20.94 31.81 -1.41
N ALA C 142 -21.82 32.17 -2.35
CA ALA C 142 -21.85 31.52 -3.66
C ALA C 142 -20.55 31.74 -4.41
N GLN C 143 -20.00 32.95 -4.31
CA GLN C 143 -18.74 33.25 -4.99
C GLN C 143 -17.61 32.50 -4.32
N ALA C 144 -17.68 32.39 -2.98
CA ALA C 144 -16.69 31.66 -2.20
C ALA C 144 -16.68 30.17 -2.52
N ALA C 145 -17.86 29.58 -2.67
CA ALA C 145 -18.00 28.17 -3.04
C ALA C 145 -17.58 27.92 -4.49
N GLY C 146 -17.39 28.99 -5.26
CA GLY C 146 -17.01 28.90 -6.67
C GLY C 146 -18.21 28.56 -7.52
N ASP C 147 -19.40 28.84 -7.01
CA ASP C 147 -20.63 28.45 -7.71
C ASP C 147 -21.01 29.47 -8.77
N ILE C 148 -20.66 30.74 -8.53
CA ILE C 148 -20.84 31.76 -9.56
C ILE C 148 -19.54 32.51 -9.73
N GLY C 149 -19.47 33.32 -10.77
CA GLY C 149 -18.24 34.04 -11.09
C GLY C 149 -17.94 35.21 -10.17
N PRO C 150 -16.73 35.79 -10.33
CA PRO C 150 -16.29 36.92 -9.50
C PRO C 150 -17.02 38.20 -9.87
N GLY C 151 -16.99 39.17 -8.96
CA GLY C 151 -17.56 40.47 -9.17
C GLY C 151 -18.20 40.98 -7.91
N ASP C 152 -18.61 42.24 -7.95
CA ASP C 152 -19.12 42.92 -6.79
C ASP C 152 -20.45 42.33 -6.32
N ALA C 153 -20.42 41.62 -5.19
CA ALA C 153 -21.63 40.97 -4.65
C ALA C 153 -22.75 41.96 -4.37
N SER C 154 -22.41 43.20 -4.04
N SER C 154 -22.41 43.19 -4.03
CA SER C 154 -23.46 44.18 -3.76
CA SER C 154 -23.42 44.20 -3.79
C SER C 154 -24.16 44.65 -5.05
C SER C 154 -24.17 44.57 -5.06
N ARG C 155 -23.46 44.65 -6.18
CA ARG C 155 -24.11 44.95 -7.48
C ARG C 155 -24.93 43.76 -7.98
N ILE C 156 -24.41 42.55 -7.77
CA ILE C 156 -25.12 41.33 -8.12
C ILE C 156 -26.44 41.27 -7.35
N ALA C 157 -26.40 41.48 -6.03
CA ALA C 157 -27.59 41.49 -5.21
C ALA C 157 -28.57 42.59 -5.61
N LEU C 158 -28.08 43.77 -6.00
CA LEU C 158 -28.93 44.85 -6.49
C LEU C 158 -29.67 44.50 -7.80
N VAL C 159 -28.98 43.90 -8.75
CA VAL C 159 -29.63 43.44 -9.99
C VAL C 159 -30.74 42.41 -9.66
N ALA C 160 -30.44 41.49 -8.74
CA ALA C 160 -31.43 40.51 -8.27
C ALA C 160 -32.65 41.22 -7.68
N PHE C 161 -32.41 42.20 -6.81
CA PHE C 161 -33.50 42.93 -6.15
C PHE C 161 -34.34 43.63 -7.22
N ALA C 162 -33.68 44.29 -8.18
CA ALA C 162 -34.37 44.98 -9.26
C ALA C 162 -35.26 43.99 -10.03
N THR C 163 -34.70 42.87 -10.45
CA THR C 163 -35.45 41.84 -11.16
C THR C 163 -36.71 41.41 -10.42
N PHE C 164 -36.58 41.04 -9.13
CA PHE C 164 -37.71 40.45 -8.42
C PHE C 164 -38.70 41.44 -7.85
N HIS C 165 -38.22 42.64 -7.53
CA HIS C 165 -39.11 43.74 -7.28
C HIS C 165 -39.83 44.16 -8.56
N GLY C 166 -39.14 44.10 -9.68
CA GLY C 166 -39.79 44.34 -10.97
C GLY C 166 -40.93 43.37 -11.22
N ILE C 167 -40.67 42.09 -11.01
CA ILE C 167 -41.73 41.06 -11.15
C ILE C 167 -42.91 41.32 -10.19
N ALA C 168 -42.60 41.62 -8.93
CA ALA C 168 -43.64 41.92 -7.95
C ALA C 168 -44.49 43.14 -8.38
N THR C 169 -43.82 44.16 -8.88
CA THR C 169 -44.45 45.41 -9.35
C THR C 169 -45.37 45.15 -10.55
N LEU C 170 -44.89 44.36 -11.50
CA LEU C 170 -45.70 43.93 -12.64
C LEU C 170 -46.94 43.13 -12.22
N ALA C 171 -46.75 42.16 -11.33
CA ALA C 171 -47.87 41.33 -10.90
C ALA C 171 -48.89 42.18 -10.15
N ALA C 172 -48.41 43.09 -9.33
CA ALA C 172 -49.31 44.01 -8.61
C ALA C 172 -50.07 44.94 -9.56
N GLY C 173 -49.44 45.27 -10.70
CA GLY C 173 -50.02 46.20 -11.67
C GLY C 173 -50.86 45.54 -12.74
N GLY C 174 -51.01 44.21 -12.66
CA GLY C 174 -51.74 43.44 -13.66
C GLY C 174 -51.04 43.40 -15.02
N LEU C 176 -48.64 41.13 -16.14
CA LEU C 176 -48.06 39.84 -16.54
C LEU C 176 -48.82 39.21 -17.72
N ASP C 177 -49.95 39.81 -18.07
CA ASP C 177 -50.81 39.33 -19.15
C ASP C 177 -51.09 37.84 -19.13
N GLY C 178 -51.50 37.33 -17.97
CA GLY C 178 -51.87 35.94 -17.84
C GLY C 178 -50.75 34.96 -17.58
N ALA C 179 -49.50 35.44 -17.64
CA ALA C 179 -48.37 34.58 -17.31
C ALA C 179 -48.39 34.39 -15.80
N PRO C 180 -48.36 33.15 -15.33
CA PRO C 180 -48.37 32.90 -13.90
C PRO C 180 -47.12 33.52 -13.25
N VAL C 181 -47.31 34.32 -12.21
CA VAL C 181 -46.20 34.92 -11.47
C VAL C 181 -45.11 33.89 -11.10
N ASP C 182 -45.51 32.71 -10.62
N ASP C 182 -45.50 32.71 -10.61
CA ASP C 182 -44.58 31.65 -10.19
CA ASP C 182 -44.57 31.63 -10.25
C ASP C 182 -43.70 31.19 -11.36
C ASP C 182 -43.65 31.34 -11.41
N GLU C 183 -44.25 31.21 -12.59
CA GLU C 183 -43.48 30.88 -13.80
C GLU C 183 -42.54 32.00 -14.25
N VAL C 184 -42.91 33.26 -14.00
CA VAL C 184 -42.07 34.38 -14.41
C VAL C 184 -40.85 34.44 -13.48
N VAL C 185 -41.11 34.24 -12.20
CA VAL C 185 -40.08 34.24 -11.15
C VAL C 185 -39.06 33.14 -11.45
N THR C 186 -39.54 31.94 -11.76
CA THR C 186 -38.66 30.80 -12.12
C THR C 186 -37.80 31.08 -13.37
N ALA C 187 -38.42 31.56 -14.42
CA ALA C 187 -37.69 31.94 -15.64
C ALA C 187 -36.62 32.99 -15.34
N ALA C 188 -36.98 34.03 -14.59
CA ALA C 188 -36.01 35.07 -14.18
C ALA C 188 -34.89 34.52 -13.32
N SER C 189 -35.24 33.64 -12.36
CA SER C 189 -34.21 32.98 -11.53
C SER C 189 -33.26 32.13 -12.34
N ASP C 190 -33.79 31.34 -13.27
CA ASP C 190 -32.93 30.47 -14.13
C ASP C 190 -31.99 31.28 -15.02
N THR C 191 -32.53 32.34 -15.63
CA THR C 191 -31.72 33.19 -16.50
C THR C 191 -30.63 33.93 -15.70
N PHE C 192 -31.00 34.47 -14.54
CA PHE C 192 -30.07 35.16 -13.62
C PHE C 192 -28.93 34.22 -13.23
N TRP C 193 -29.30 33.02 -12.78
CA TRP C 193 -28.32 32.00 -12.40
C TRP C 193 -27.34 31.65 -13.51
N ARG C 194 -27.86 31.41 -14.70
CA ARG C 194 -27.05 31.05 -15.87
C ARG C 194 -26.14 32.23 -16.23
N GLY C 195 -26.65 33.44 -16.08
CA GLY C 195 -25.89 34.62 -16.43
C GLY C 195 -24.77 34.95 -15.47
N LEU C 196 -24.78 34.36 -14.27
CA LEU C 196 -23.73 34.65 -13.28
C LEU C 196 -22.69 33.56 -13.19
N ALA C 197 -23.14 32.34 -13.47
CA ALA C 197 -22.32 31.15 -13.31
C ALA C 197 -21.34 31.22 -14.46
N GLN C 198 -20.30 32.04 -14.27
CA GLN C 198 -19.39 32.41 -15.34
C GLN C 198 -17.98 31.90 -15.15
N ALA D 4 21.87 -2.55 -30.60
CA ALA D 4 22.83 -1.50 -31.08
C ALA D 4 22.30 -0.09 -30.79
N GLU D 5 22.86 0.55 -29.76
N GLU D 5 22.89 0.58 -29.79
CA GLU D 5 22.38 1.87 -29.35
CA GLU D 5 22.35 1.87 -29.31
C GLU D 5 23.00 2.97 -30.22
C GLU D 5 23.01 3.13 -29.89
N GLN D 6 22.18 3.99 -30.50
CA GLN D 6 22.67 5.19 -31.22
C GLN D 6 23.27 6.23 -30.26
N PRO D 7 24.41 6.82 -30.65
CA PRO D 7 25.28 7.57 -29.75
C PRO D 7 24.60 8.70 -28.95
N TYR D 8 23.60 9.36 -29.52
CA TYR D 8 22.95 10.48 -28.85
C TYR D 8 21.48 10.21 -28.50
N HIS D 9 21.06 8.96 -28.44
CA HIS D 9 19.64 8.63 -28.17
C HIS D 9 19.38 7.64 -27.05
N HIS D 10 20.14 7.73 -25.97
CA HIS D 10 19.80 6.89 -24.84
C HIS D 10 19.78 7.60 -23.49
N GLY D 11 19.01 7.01 -22.57
CA GLY D 11 18.82 7.56 -21.24
C GLY D 11 20.04 7.37 -20.37
N SER D 12 20.02 7.97 -19.18
CA SER D 12 21.13 7.78 -18.29
C SER D 12 21.07 6.35 -17.75
N LEU D 13 22.24 5.79 -17.48
CA LEU D 13 22.35 4.49 -16.88
C LEU D 13 21.60 4.44 -15.53
N ARG D 14 21.75 5.49 -14.72
CA ARG D 14 21.05 5.53 -13.44
C ARG D 14 19.55 5.32 -13.66
N ARG D 15 18.98 6.11 -14.57
CA ARG D 15 17.53 6.10 -14.82
C ARG D 15 17.07 4.76 -15.41
N VAL D 16 17.81 4.24 -16.37
CA VAL D 16 17.44 3.00 -17.04
C VAL D 16 17.47 1.84 -16.04
N LEU D 17 18.54 1.76 -15.26
CA LEU D 17 18.69 0.70 -14.27
C LEU D 17 17.63 0.77 -13.17
N LEU D 18 17.31 1.97 -12.70
CA LEU D 18 16.27 2.11 -11.67
C LEU D 18 14.91 1.67 -12.18
N ALA D 19 14.63 1.91 -13.46
CA ALA D 19 13.33 1.53 -14.03
C ALA D 19 13.21 0.00 -14.13
N ARG D 20 14.25 -0.64 -14.66
CA ARG D 20 14.29 -2.10 -14.76
C ARG D 20 14.25 -2.73 -13.39
N ALA D 21 15.00 -2.14 -12.44
CA ALA D 21 15.09 -2.64 -11.07
C ALA D 21 13.72 -2.68 -10.42
N GLU D 22 12.94 -1.63 -10.63
CA GLU D 22 11.62 -1.52 -10.03
C GLU D 22 10.68 -2.57 -10.61
N SER D 23 10.77 -2.74 -11.94
CA SER D 23 9.99 -3.76 -12.63
C SER D 23 10.28 -5.19 -12.10
N THR D 24 11.56 -5.50 -11.89
CA THR D 24 11.98 -6.78 -11.31
C THR D 24 11.57 -6.92 -9.84
N LEU D 25 11.70 -5.82 -9.09
CA LEU D 25 11.25 -5.76 -7.70
C LEU D 25 9.79 -6.21 -7.55
N GLU D 26 8.89 -5.62 -8.33
N GLU D 26 8.86 -5.61 -8.30
CA GLU D 26 7.45 -5.88 -8.20
CA GLU D 26 7.43 -5.94 -8.12
C GLU D 26 7.05 -7.30 -8.67
C GLU D 26 7.06 -7.35 -8.63
N LYS D 27 7.83 -7.87 -9.58
CA LYS D 27 7.65 -9.26 -10.03
C LYS D 27 8.26 -10.29 -9.09
N ASP D 28 9.51 -10.06 -8.69
CA ASP D 28 10.35 -11.10 -8.07
C ASP D 28 10.69 -10.84 -6.60
N GLY D 29 10.32 -9.66 -6.11
CA GLY D 29 10.74 -9.24 -4.78
C GLY D 29 12.20 -8.80 -4.77
N VAL D 30 12.65 -8.34 -3.61
CA VAL D 30 13.99 -7.77 -3.44
C VAL D 30 15.12 -8.78 -3.72
N ASP D 31 14.90 -10.05 -3.37
CA ASP D 31 15.86 -11.13 -3.62
C ASP D 31 16.04 -11.41 -5.12
N GLY D 32 15.08 -11.00 -5.93
CA GLY D 32 15.20 -11.09 -7.39
C GLY D 32 16.15 -10.06 -8.02
N LEU D 33 16.60 -9.08 -7.23
CA LEU D 33 17.42 -7.98 -7.74
C LEU D 33 18.90 -8.28 -7.73
N SER D 34 19.55 -8.05 -8.87
CA SER D 34 21.00 -8.18 -8.99
C SER D 34 21.48 -7.07 -9.92
N LEU D 35 22.41 -6.27 -9.44
CA LEU D 35 22.91 -5.18 -10.26
C LEU D 35 23.50 -5.72 -11.58
N ARG D 36 24.30 -6.77 -11.46
CA ARG D 36 24.92 -7.36 -12.64
C ARG D 36 23.88 -7.84 -13.65
N GLN D 37 22.82 -8.48 -13.17
CA GLN D 37 21.79 -9.01 -14.05
C GLN D 37 21.02 -7.86 -14.74
N LEU D 38 20.71 -6.81 -13.98
CA LEU D 38 20.02 -5.63 -14.51
C LEU D 38 20.87 -4.94 -15.59
N ALA D 39 22.17 -4.85 -15.33
CA ALA D 39 23.09 -4.24 -16.28
C ALA D 39 23.10 -5.00 -17.63
N ARG D 40 23.27 -6.32 -17.56
CA ARG D 40 23.29 -7.19 -18.74
C ARG D 40 21.96 -7.12 -19.49
N GLU D 41 20.85 -7.16 -18.76
CA GLU D 41 19.52 -6.94 -19.34
C GLU D 41 19.44 -5.59 -20.06
N ALA D 42 20.00 -4.54 -19.47
CA ALA D 42 19.97 -3.21 -20.08
C ALA D 42 20.96 -3.02 -21.24
N GLY D 43 21.71 -4.07 -21.57
CA GLY D 43 22.66 -4.01 -22.68
C GLY D 43 24.04 -3.42 -22.43
N VAL D 44 24.40 -3.18 -21.16
CA VAL D 44 25.80 -2.81 -20.86
C VAL D 44 26.70 -4.00 -21.24
N SER D 45 27.81 -3.71 -21.90
CA SER D 45 28.67 -4.73 -22.49
C SER D 45 30.11 -4.51 -22.08
N HIS D 46 31.03 -5.33 -22.61
CA HIS D 46 32.45 -5.20 -22.29
C HIS D 46 33.04 -3.87 -22.78
N ALA D 47 32.58 -3.44 -23.96
CA ALA D 47 33.03 -2.21 -24.60
C ALA D 47 32.71 -0.90 -23.83
N ALA D 48 31.62 -0.91 -23.04
CA ALA D 48 31.37 0.16 -22.06
C ALA D 48 30.67 -0.41 -20.82
N PRO D 49 31.46 -0.85 -19.83
CA PRO D 49 31.03 -1.72 -18.75
C PRO D 49 30.43 -1.06 -17.48
N SER D 50 30.38 0.26 -17.41
CA SER D 50 29.82 0.92 -16.22
C SER D 50 28.38 0.45 -15.98
N LYS D 51 28.04 0.26 -14.70
CA LYS D 51 26.71 -0.09 -14.26
C LYS D 51 26.17 1.06 -13.43
N HIS D 52 26.88 2.19 -13.48
CA HIS D 52 26.59 3.41 -12.70
C HIS D 52 26.73 3.23 -11.18
N PHE D 53 25.87 2.40 -10.59
CA PHE D 53 25.88 2.16 -9.14
C PHE D 53 27.10 1.39 -8.72
N ARG D 54 27.74 1.83 -7.64
CA ARG D 54 28.98 1.18 -7.23
C ARG D 54 28.76 -0.26 -6.73
N ASP D 55 27.57 -0.53 -6.18
CA ASP D 55 27.22 -1.86 -5.71
C ASP D 55 25.69 -2.01 -5.52
N ARG D 56 25.24 -3.24 -5.22
CA ARG D 56 23.82 -3.51 -4.98
C ARG D 56 23.18 -2.61 -3.93
N GLN D 57 23.87 -2.36 -2.82
CA GLN D 57 23.30 -1.50 -1.78
C GLN D 57 23.04 -0.08 -2.27
N ALA D 58 23.89 0.45 -3.16
CA ALA D 58 23.65 1.79 -3.73
C ALA D 58 22.37 1.77 -4.58
N LEU D 59 22.16 0.69 -5.32
CA LEU D 59 20.93 0.51 -6.08
C LEU D 59 19.69 0.47 -5.16
N LEU D 60 19.75 -0.35 -4.10
CA LEU D 60 18.62 -0.44 -3.15
C LEU D 60 18.33 0.90 -2.46
N ASP D 61 19.38 1.61 -2.05
CA ASP D 61 19.21 2.92 -1.40
C ASP D 61 18.56 3.92 -2.40
N ALA D 62 18.99 3.86 -3.66
CA ALA D 62 18.41 4.75 -4.66
C ALA D 62 16.93 4.46 -4.92
N LEU D 63 16.57 3.18 -4.92
CA LEU D 63 15.19 2.74 -5.12
C LEU D 63 14.31 3.22 -3.92
N ALA D 64 14.82 3.02 -2.70
CA ALA D 64 14.12 3.43 -1.50
C ALA D 64 13.89 4.93 -1.49
N GLU D 65 14.95 5.70 -1.75
CA GLU D 65 14.86 7.17 -1.75
C GLU D 65 13.88 7.63 -2.82
N SER D 66 13.99 7.03 -4.00
CA SER D 66 13.06 7.30 -5.09
C SER D 66 11.58 7.02 -4.70
N GLY D 67 11.32 5.91 -4.04
CA GLY D 67 9.96 5.59 -3.57
C GLY D 67 9.40 6.61 -2.58
N PHE D 68 10.20 7.03 -1.60
CA PHE D 68 9.78 8.10 -0.69
C PHE D 68 9.50 9.40 -1.39
N LEU D 69 10.39 9.81 -2.30
CA LEU D 69 10.17 11.05 -3.08
C LEU D 69 8.85 10.99 -3.87
N ARG D 70 8.56 9.83 -4.45
CA ARG D 70 7.34 9.66 -5.22
C ARG D 70 6.09 9.59 -4.35
N LEU D 71 6.25 9.03 -3.14
CA LEU D 71 5.14 9.02 -2.19
C LEU D 71 4.84 10.46 -1.78
N THR D 72 5.88 11.22 -1.39
CA THR D 72 5.64 12.64 -1.05
C THR D 72 4.94 13.39 -2.21
N ALA D 73 5.43 13.19 -3.43
CA ALA D 73 4.83 13.79 -4.64
C ALA D 73 3.33 13.42 -4.79
N ALA D 74 3.00 12.16 -4.55
CA ALA D 74 1.64 11.69 -4.66
C ALA D 74 0.73 12.31 -3.59
N LEU D 75 1.23 12.43 -2.35
CA LEU D 75 0.48 13.08 -1.26
C LEU D 75 0.28 14.59 -1.54
N GLU D 76 1.32 15.23 -2.04
CA GLU D 76 1.18 16.65 -2.44
C GLU D 76 0.15 16.79 -3.55
N ARG D 77 0.21 15.95 -4.57
CA ARG D 77 -0.81 15.97 -5.62
C ARG D 77 -2.24 15.78 -5.08
N ALA D 78 -2.38 14.91 -4.09
CA ALA D 78 -3.70 14.68 -3.50
C ALA D 78 -4.23 15.94 -2.79
N VAL D 79 -3.38 16.61 -2.03
CA VAL D 79 -3.72 17.89 -1.39
C VAL D 79 -4.10 18.97 -2.40
N GLU D 80 -3.33 19.08 -3.48
N GLU D 80 -3.31 19.08 -3.47
CA GLU D 80 -3.60 20.11 -4.50
CA GLU D 80 -3.54 20.05 -4.55
C GLU D 80 -4.90 19.83 -5.28
C GLU D 80 -4.88 19.82 -5.26
N GLU D 81 -5.26 18.55 -5.41
CA GLU D 81 -6.52 18.16 -6.07
C GLU D 81 -7.75 18.48 -5.21
N ALA D 82 -7.57 18.37 -3.90
CA ALA D 82 -8.68 18.44 -2.95
C ALA D 82 -9.08 19.87 -2.69
N GLU D 83 -10.33 20.04 -2.27
CA GLU D 83 -10.79 21.33 -1.70
C GLU D 83 -9.84 21.80 -0.59
N SER D 84 -9.79 23.12 -0.39
CA SER D 84 -8.89 23.78 0.54
C SER D 84 -9.44 23.86 1.96
N HIS D 85 -10.02 22.79 2.45
CA HIS D 85 -10.27 22.70 3.87
C HIS D 85 -9.79 21.36 4.43
N ALA D 86 -9.42 21.39 5.72
CA ALA D 86 -8.79 20.27 6.41
C ALA D 86 -9.51 18.94 6.23
N ARG D 87 -10.84 18.91 6.42
CA ARG D 87 -11.57 17.62 6.31
C ARG D 87 -11.32 16.96 4.95
N ALA D 88 -11.36 17.75 3.88
CA ALA D 88 -11.16 17.24 2.52
C ALA D 88 -9.72 16.78 2.33
N ARG D 89 -8.80 17.57 2.84
CA ARG D 89 -7.39 17.24 2.77
C ARG D 89 -7.07 15.96 3.51
N PHE D 90 -7.64 15.77 4.69
CA PHE D 90 -7.33 14.56 5.53
C PHE D 90 -7.81 13.35 4.76
N ALA D 91 -9.01 13.45 4.19
CA ALA D 91 -9.58 12.37 3.45
C ALA D 91 -8.75 12.09 2.19
N ALA D 92 -8.32 13.15 1.49
CA ALA D 92 -7.53 12.97 0.29
C ALA D 92 -6.18 12.31 0.57
N LEU D 93 -5.55 12.71 1.67
CA LEU D 93 -4.25 12.12 2.03
C LEU D 93 -4.38 10.63 2.34
N ALA D 94 -5.45 10.26 3.03
CA ALA D 94 -5.64 8.85 3.40
C ALA D 94 -5.81 8.02 2.15
N GLY D 95 -6.67 8.49 1.25
CA GLY D 95 -6.93 7.75 -0.01
C GLY D 95 -5.67 7.55 -0.82
N ALA D 96 -4.90 8.63 -0.94
CA ALA D 96 -3.71 8.63 -1.77
C ALA D 96 -2.64 7.74 -1.18
N TYR D 97 -2.52 7.71 0.16
CA TYR D 97 -1.56 6.79 0.80
C TYR D 97 -1.89 5.32 0.46
N VAL D 98 -3.11 4.93 0.79
CA VAL D 98 -3.57 3.55 0.55
C VAL D 98 -3.44 3.12 -0.94
N SER D 99 -3.85 3.99 -1.86
CA SER D 99 -3.64 3.75 -3.31
C SER D 99 -2.18 3.56 -3.69
N PHE D 100 -1.31 4.41 -3.16
CA PHE D 100 0.11 4.27 -3.42
C PHE D 100 0.65 2.91 -2.93
N ALA D 101 0.28 2.56 -1.70
CA ALA D 101 0.72 1.35 -1.03
C ALA D 101 0.33 0.10 -1.84
N LEU D 102 -0.90 0.08 -2.31
CA LEU D 102 -1.40 -1.05 -3.08
C LEU D 102 -0.93 -1.09 -4.53
N ALA D 103 -0.54 0.06 -5.07
CA ALA D 103 0.01 0.08 -6.42
C ALA D 103 1.49 -0.25 -6.45
N HIS D 104 2.15 -0.15 -5.29
CA HIS D 104 3.62 -0.30 -5.19
C HIS D 104 4.04 -1.16 -4.00
N ARG D 105 3.53 -2.38 -3.94
CA ARG D 105 3.64 -3.22 -2.74
C ARG D 105 5.07 -3.55 -2.37
N GLU D 106 5.84 -4.05 -3.35
CA GLU D 106 7.22 -4.44 -3.05
C GLU D 106 8.15 -3.24 -2.84
N LEU D 107 7.91 -2.15 -3.58
N LEU D 107 7.90 -2.15 -3.57
CA LEU D 107 8.66 -0.90 -3.40
CA LEU D 107 8.66 -0.91 -3.42
C LEU D 107 8.41 -0.35 -1.99
C LEU D 107 8.40 -0.32 -2.02
N LEU D 108 7.16 -0.33 -1.57
CA LEU D 108 6.83 0.13 -0.21
C LEU D 108 7.51 -0.74 0.88
N ALA D 109 7.50 -2.05 0.74
CA ALA D 109 8.22 -2.92 1.70
C ALA D 109 9.72 -2.57 1.71
N LEU D 110 10.29 -2.37 0.53
CA LEU D 110 11.70 -1.96 0.42
C LEU D 110 11.97 -0.61 1.10
N TYR D 112 10.41 0.97 3.55
CA TYR D 112 10.32 0.90 5.00
C TYR D 112 11.41 0.04 5.62
N GLY D 113 11.71 -1.10 5.01
CA GLY D 113 12.79 -1.96 5.48
C GLY D 113 14.14 -1.27 5.39
N ASN D 114 14.35 -0.53 4.31
CA ASN D 114 15.63 0.13 4.09
C ASN D 114 15.80 1.30 5.09
N LYS D 115 14.79 2.16 5.18
CA LYS D 115 14.87 3.35 6.04
C LYS D 115 15.13 2.98 7.51
N HIS D 116 14.66 1.80 7.92
CA HIS D 116 14.75 1.40 9.32
C HIS D 116 15.84 0.36 9.65
N ALA D 117 16.57 -0.10 8.64
CA ALA D 117 17.69 -1.03 8.87
C ALA D 117 18.85 -0.27 9.53
N PRO D 118 19.66 -0.96 10.36
CA PRO D 118 20.83 -0.34 10.98
C PRO D 118 21.75 0.35 9.97
N GLY D 119 22.13 1.60 10.24
CA GLY D 119 23.04 2.34 9.39
C GLY D 119 22.45 2.75 8.04
N ALA D 120 21.13 2.90 7.98
CA ALA D 120 20.42 3.34 6.76
C ALA D 120 20.96 4.65 6.21
N ALA D 121 21.03 4.78 4.89
CA ALA D 121 21.58 5.95 4.23
C ALA D 121 20.80 7.22 4.61
N SER D 122 21.53 8.29 4.85
CA SER D 122 20.95 9.52 5.36
C SER D 122 19.91 10.10 4.39
N GLN D 123 20.15 10.00 3.08
CA GLN D 123 19.19 10.52 2.10
C GLN D 123 17.86 9.72 2.05
N VAL D 124 17.89 8.44 2.43
CA VAL D 124 16.65 7.66 2.50
C VAL D 124 15.89 8.17 3.71
N VAL D 125 16.62 8.33 4.81
CA VAL D 125 16.02 8.77 6.08
C VAL D 125 15.35 10.13 5.92
N GLU D 126 16.02 11.06 5.24
N GLU D 126 16.03 11.05 5.23
CA GLU D 126 15.46 12.39 5.00
CA GLU D 126 15.53 12.40 4.96
C GLU D 126 14.27 12.37 4.05
C GLU D 126 14.32 12.42 4.01
N ALA D 127 14.31 11.52 3.02
CA ALA D 127 13.19 11.42 2.08
C ALA D 127 11.94 10.88 2.78
N GLY D 128 12.11 9.87 3.64
CA GLY D 128 11.00 9.35 4.47
C GLY D 128 10.41 10.38 5.44
N HIS D 129 11.28 11.21 6.02
N HIS D 129 11.31 11.20 5.99
CA HIS D 129 10.82 12.21 6.99
CA HIS D 129 10.96 12.25 6.94
C HIS D 129 10.03 13.31 6.31
C HIS D 129 10.02 13.23 6.28
N ALA D 130 10.33 13.58 5.04
CA ALA D 130 9.54 14.56 4.27
C ALA D 130 8.07 14.15 4.09
N SER D 131 7.81 12.85 3.83
CA SER D 131 6.45 12.36 3.67
C SER D 131 5.69 12.62 4.98
N ASP D 133 6.54 14.81 7.37
CA ASP D 133 6.45 16.27 7.62
C ASP D 133 5.24 16.92 6.91
N LEU D 134 4.98 16.49 5.69
CA LEU D 134 3.84 16.95 4.92
C LEU D 134 2.56 16.72 5.71
N THR D 135 2.40 15.49 6.20
CA THR D 135 1.24 15.11 6.99
C THR D 135 1.12 15.92 8.28
N VAL D 136 2.23 16.03 9.04
CA VAL D 136 2.24 16.88 10.23
C VAL D 136 1.83 18.34 9.91
N ARG D 137 2.36 18.90 8.81
N ARG D 137 2.33 18.89 8.80
CA ARG D 137 2.02 20.27 8.38
CA ARG D 137 2.02 20.28 8.42
C ARG D 137 0.54 20.45 8.18
C ARG D 137 0.55 20.49 8.09
N ILE D 138 -0.08 19.49 7.47
CA ILE D 138 -1.55 19.52 7.21
C ILE D 138 -2.37 19.45 8.52
N VAL D 139 -1.95 18.63 9.48
CA VAL D 139 -2.58 18.58 10.82
C VAL D 139 -2.44 19.93 11.54
N THR D 140 -1.23 20.49 11.52
CA THR D 140 -0.96 21.79 12.16
C THR D 140 -1.83 22.89 11.54
N GLU D 141 -1.92 22.89 10.22
CA GLU D 141 -2.80 23.85 9.49
C GLU D 141 -4.27 23.69 9.89
N ALA D 142 -4.69 22.46 10.13
CA ALA D 142 -6.08 22.17 10.52
C ALA D 142 -6.33 22.71 11.91
N GLN D 143 -5.35 22.62 12.79
CA GLN D 143 -5.47 23.21 14.13
C GLN D 143 -5.49 24.74 14.08
N ALA D 144 -4.67 25.33 13.20
CA ALA D 144 -4.63 26.78 13.04
C ALA D 144 -5.93 27.32 12.45
N ALA D 145 -6.60 26.51 11.65
CA ALA D 145 -7.91 26.86 11.08
C ALA D 145 -9.05 26.72 12.07
N GLY D 146 -8.79 26.03 13.18
CA GLY D 146 -9.81 25.80 14.19
C GLY D 146 -10.66 24.58 13.90
N ASP D 147 -10.27 23.77 12.92
CA ASP D 147 -11.09 22.64 12.47
C ASP D 147 -10.98 21.42 13.38
N ILE D 148 -9.84 21.27 14.03
CA ILE D 148 -9.66 20.18 14.95
C ILE D 148 -9.10 20.72 16.27
N GLY D 149 -9.25 19.92 17.33
CA GLY D 149 -8.79 20.30 18.66
C GLY D 149 -7.28 20.28 18.88
N PRO D 150 -6.85 20.73 20.07
CA PRO D 150 -5.43 20.94 20.33
C PRO D 150 -4.72 19.60 20.60
N GLY D 151 -3.41 19.60 20.54
CA GLY D 151 -2.66 18.37 20.78
C GLY D 151 -1.50 18.29 19.84
N ASP D 152 -0.57 17.39 20.18
CA ASP D 152 0.66 17.23 19.45
C ASP D 152 0.40 16.73 18.02
N ALA D 153 0.60 17.62 17.04
CA ALA D 153 0.34 17.30 15.62
C ALA D 153 1.13 16.07 15.13
N SER D 154 2.35 15.91 15.63
N SER D 154 2.36 15.90 15.62
CA SER D 154 3.18 14.74 15.29
CA SER D 154 3.17 14.72 15.25
C SER D 154 2.52 13.42 15.72
C SER D 154 2.54 13.41 15.73
N ARG D 155 1.93 13.41 16.91
CA ARG D 155 1.27 12.22 17.42
C ARG D 155 -0.04 11.92 16.68
N ILE D 156 -0.81 12.98 16.40
CA ILE D 156 -2.04 12.86 15.63
C ILE D 156 -1.75 12.26 14.24
N ALA D 157 -0.70 12.79 13.59
CA ALA D 157 -0.24 12.32 12.30
C ALA D 157 0.26 10.87 12.37
N LEU D 158 0.90 10.51 13.48
CA LEU D 158 1.34 9.15 13.67
C LEU D 158 0.16 8.15 13.80
N VAL D 159 -0.89 8.55 14.51
CA VAL D 159 -2.10 7.73 14.60
C VAL D 159 -2.76 7.56 13.20
N ALA D 160 -2.81 8.65 12.44
CA ALA D 160 -3.30 8.64 11.07
C ALA D 160 -2.47 7.65 10.22
N PHE D 161 -1.16 7.77 10.26
CA PHE D 161 -0.29 6.84 9.53
C PHE D 161 -0.52 5.37 9.95
N ALA D 162 -0.57 5.10 11.26
CA ALA D 162 -0.89 3.75 11.74
C ALA D 162 -2.22 3.22 11.15
N THR D 163 -3.26 4.05 11.17
CA THR D 163 -4.59 3.66 10.68
C THR D 163 -4.53 3.24 9.22
N PHE D 164 -3.94 4.10 8.38
CA PHE D 164 -4.00 3.88 6.96
C PHE D 164 -2.93 2.93 6.43
N HIS D 165 -1.82 2.84 7.13
CA HIS D 165 -0.92 1.73 6.89
C HIS D 165 -1.56 0.42 7.35
N GLY D 166 -2.31 0.44 8.45
CA GLY D 166 -3.04 -0.77 8.90
C GLY D 166 -4.02 -1.24 7.84
N ILE D 167 -4.77 -0.29 7.28
CA ILE D 167 -5.71 -0.61 6.22
C ILE D 167 -4.99 -1.18 4.99
N ALA D 168 -3.92 -0.54 4.55
CA ALA D 168 -3.16 -1.01 3.40
C ALA D 168 -2.58 -2.41 3.65
N THR D 169 -2.09 -2.62 4.88
CA THR D 169 -1.55 -3.90 5.32
C THR D 169 -2.62 -5.02 5.28
N LEU D 170 -3.77 -4.73 5.85
CA LEU D 170 -4.92 -5.64 5.79
C LEU D 170 -5.32 -5.97 4.37
N ALA D 171 -5.48 -4.94 3.54
CA ALA D 171 -5.85 -5.13 2.13
C ALA D 171 -4.82 -6.01 1.41
N ALA D 172 -3.53 -5.72 1.60
CA ALA D 172 -2.46 -6.53 0.97
C ALA D 172 -2.46 -7.99 1.44
N GLY D 173 -2.98 -8.23 2.63
CA GLY D 173 -2.95 -9.57 3.21
C GLY D 173 -4.26 -10.32 3.04
N GLY D 174 -5.19 -9.71 2.33
CA GLY D 174 -6.50 -10.29 2.07
C GLY D 174 -7.32 -10.39 3.34
N LEU D 176 -9.58 -8.01 4.57
CA LEU D 176 -10.78 -7.14 4.62
C LEU D 176 -12.08 -7.93 4.57
N ASP D 177 -11.97 -9.22 4.35
CA ASP D 177 -13.10 -10.13 4.18
C ASP D 177 -14.19 -9.56 3.28
N GLY D 178 -13.80 -9.07 2.11
CA GLY D 178 -14.76 -8.60 1.11
C GLY D 178 -15.18 -7.14 1.21
N ALA D 179 -14.75 -6.45 2.29
CA ALA D 179 -15.09 -5.03 2.46
C ALA D 179 -14.21 -4.23 1.49
N PRO D 180 -14.83 -3.41 0.61
CA PRO D 180 -14.02 -2.68 -0.36
C PRO D 180 -13.03 -1.78 0.38
N VAL D 181 -11.78 -1.77 -0.06
CA VAL D 181 -10.77 -0.97 0.63
C VAL D 181 -11.23 0.49 0.72
N ASP D 182 -11.77 0.99 -0.39
CA ASP D 182 -12.20 2.39 -0.49
C ASP D 182 -13.23 2.70 0.59
N GLU D 183 -14.11 1.75 0.90
CA GLU D 183 -15.14 1.97 1.93
C GLU D 183 -14.54 1.94 3.36
N VAL D 184 -13.52 1.10 3.56
CA VAL D 184 -12.88 0.99 4.89
C VAL D 184 -12.07 2.26 5.16
N VAL D 185 -11.33 2.69 4.14
CA VAL D 185 -10.58 3.95 4.19
C VAL D 185 -11.51 5.12 4.58
N THR D 186 -12.66 5.24 3.90
CA THR D 186 -13.66 6.28 4.19
C THR D 186 -14.22 6.22 5.60
N ALA D 187 -14.58 5.03 6.07
CA ALA D 187 -15.13 4.91 7.44
C ALA D 187 -14.05 5.29 8.45
N ALA D 188 -12.81 4.85 8.22
CA ALA D 188 -11.67 5.21 9.09
C ALA D 188 -11.39 6.73 9.09
N SER D 189 -11.43 7.34 7.90
CA SER D 189 -11.26 8.80 7.76
C SER D 189 -12.36 9.57 8.50
N ASP D 190 -13.60 9.12 8.33
CA ASP D 190 -14.73 9.76 9.00
C ASP D 190 -14.66 9.67 10.52
N THR D 191 -14.28 8.51 11.03
CA THR D 191 -14.17 8.31 12.47
C THR D 191 -13.02 9.12 13.07
N PHE D 192 -11.86 9.09 12.40
CA PHE D 192 -10.67 9.87 12.79
C PHE D 192 -10.99 11.37 12.84
N TRP D 193 -11.58 11.86 11.76
CA TRP D 193 -12.03 13.24 11.69
C TRP D 193 -12.91 13.63 12.89
N ARG D 194 -13.96 12.85 13.11
N ARG D 194 -13.98 12.89 13.12
CA ARG D 194 -14.90 13.09 14.19
CA ARG D 194 -14.87 13.22 14.24
C ARG D 194 -14.22 13.05 15.56
C ARG D 194 -14.15 13.13 15.57
N GLY D 195 -13.28 12.13 15.73
CA GLY D 195 -12.56 11.95 16.99
C GLY D 195 -11.62 13.11 17.31
N LEU D 196 -11.20 13.83 16.27
CA LEU D 196 -10.34 14.99 16.46
C LEU D 196 -11.08 16.30 16.45
N ALA D 197 -12.21 16.37 15.72
CA ALA D 197 -12.91 17.64 15.50
C ALA D 197 -13.58 18.06 16.79
N GLN D 198 -13.90 17.05 17.60
CA GLN D 198 -14.57 17.21 18.88
C GLN D 198 -13.95 16.19 19.84
#